data_3Q3T
#
_entry.id   3Q3T
#
_cell.length_a   54.253
_cell.length_b   97.585
_cell.length_c   148.651
_cell.angle_alpha   90.00
_cell.angle_beta   90.00
_cell.angle_gamma   90.00
#
_symmetry.space_group_name_H-M   'P 21 21 21'
#
loop_
_entity.id
_entity.type
_entity.pdbx_description
1 polymer Renin
2 branched 2-acetamido-2-deoxy-beta-D-glucopyranose-(1-4)-2-acetamido-2-deoxy-beta-D-glucopyranose
3 non-polymer [(1S,3R,4S)-3-amino-4-hydroxycyclopentyl]{(3R)-3-[(1S)-1-(biphenyl-2-yl)-1-hydroxy-5-methoxypentyl]piperidin-1-yl}methanone
4 non-polymer GLYCEROL
5 non-polymer 2-acetamido-2-deoxy-beta-D-glucopyranose
6 water water
#
_entity_poly.entity_id   1
_entity_poly.type   'polypeptide(L)'
_entity_poly.pdbx_seq_one_letter_code
;LTLGNTTSSVILTNYMDTQYYGEIGIGTPPQTFKVVFDTGSSNVWVPSSKCSRLYTACVYHKLFDASDSSSYKHNGTELT
LRYSTGTVSGFLSQDIITVGGITVTQMFGEVTEMPALPFMLAEFDGVVGMGFIEQAIGRVTPIFDNIISQGVLKEDVFSF
YYNRDSENSQSLGGQIVLGGSDPQHYEGNFHYINLIKTGVWQIQMKGVSVGSSTLLCEDGCLALVDTGASYISGSTSSIE
KLMEALGAKKRLFDYVVKCNEGPTLPDISFHLGGKEYTLTSADYVFQESYSSKKLCTLAIHAMDIPPPTGPTWALGATFI
RKFYTEFDRRNNRIGFALAR
;
_entity_poly.pdbx_strand_id   A,B
#
loop_
_chem_comp.id
_chem_comp.type
_chem_comp.name
_chem_comp.formula
GOL non-polymer GLYCEROL 'C3 H8 O3'
NAG D-saccharide, beta linking 2-acetamido-2-deoxy-beta-D-glucopyranose 'C8 H15 N O6'
RX0 non-polymer [(1S,3R,4S)-3-amino-4-hydroxycyclopentyl]{(3R)-3-[(1S)-1-(biphenyl-2-yl)-1-hydroxy-5-methoxypentyl]piperidin-1-yl}methanone 'C29 H40 N2 O4'
#
# COMPACT_ATOMS: atom_id res chain seq x y z
N GLY A 4 19.79 18.53 -34.82
CA GLY A 4 20.68 19.19 -33.91
C GLY A 4 21.72 18.22 -33.45
N ASN A 5 22.52 18.64 -32.50
CA ASN A 5 23.53 17.80 -31.94
C ASN A 5 23.34 17.49 -30.48
N THR A 6 22.32 18.02 -29.85
CA THR A 6 22.20 17.85 -28.42
C THR A 6 21.86 16.44 -27.98
N THR A 7 22.66 15.92 -27.07
CA THR A 7 22.43 14.70 -26.37
C THR A 7 22.69 14.90 -24.90
N SER A 8 21.78 15.50 -24.17
CA SER A 8 21.90 15.68 -22.73
C SER A 8 21.59 14.50 -21.84
N SER A 9 22.08 14.55 -20.61
CA SER A 9 21.95 13.47 -19.66
C SER A 9 21.40 13.92 -18.30
N VAL A 10 20.65 13.08 -17.64
CA VAL A 10 20.22 13.37 -16.29
C VAL A 10 20.55 12.24 -15.37
N ILE A 11 21.27 12.50 -14.30
CA ILE A 11 21.53 11.50 -13.30
C ILE A 11 20.34 11.14 -12.44
N LEU A 12 20.20 9.85 -12.15
CA LEU A 12 19.09 9.36 -11.36
C LEU A 12 19.52 8.75 -10.03
N THR A 13 18.65 8.84 -9.06
CA THR A 13 18.88 8.38 -7.72
C THR A 13 18.14 7.07 -7.59
N ASN A 14 18.76 6.11 -6.93
CA ASN A 14 18.19 4.81 -6.71
C ASN A 14 17.92 4.61 -5.25
N TYR A 15 16.66 4.51 -4.92
CA TYR A 15 16.28 4.26 -3.58
C TYR A 15 15.75 2.88 -3.52
N MET A 16 16.54 1.99 -2.96
CA MET A 16 16.20 0.66 -2.56
C MET A 16 15.97 -0.23 -3.73
N ASP A 17 16.31 0.21 -4.91
CA ASP A 17 15.99 -0.54 -6.10
C ASP A 17 14.51 -0.52 -6.47
N THR A 18 13.75 0.35 -5.86
CA THR A 18 12.34 0.44 -6.13
C THR A 18 11.87 1.82 -6.60
N GLN A 19 12.68 2.83 -6.45
CA GLN A 19 12.34 4.12 -6.95
C GLN A 19 13.50 4.73 -7.64
N TYR A 20 13.36 5.09 -8.89
CA TYR A 20 14.39 5.80 -9.60
C TYR A 20 13.85 7.15 -9.96
N TYR A 21 14.64 8.18 -9.71
CA TYR A 21 14.20 9.52 -9.94
C TYR A 21 15.29 10.52 -10.18
N GLY A 22 14.98 11.60 -10.81
CA GLY A 22 15.92 12.63 -11.16
C GLY A 22 15.41 14.03 -10.96
N GLU A 23 16.23 15.00 -11.25
CA GLU A 23 15.88 16.39 -11.07
C GLU A 23 15.41 17.13 -12.32
N ILE A 24 14.42 17.96 -12.11
CA ILE A 24 13.97 18.97 -13.04
C ILE A 24 13.80 20.29 -12.32
N GLY A 25 13.86 21.36 -13.08
CA GLY A 25 13.60 22.68 -12.60
C GLY A 25 12.47 23.37 -13.34
N ILE A 26 11.54 23.95 -12.60
CA ILE A 26 10.39 24.60 -13.18
C ILE A 26 10.36 26.03 -12.78
N GLY A 27 10.11 26.87 -13.75
CA GLY A 27 10.18 28.29 -13.57
C GLY A 27 11.48 29.04 -13.76
N THR A 28 11.38 30.34 -13.62
CA THR A 28 12.48 31.27 -13.57
C THR A 28 12.35 32.08 -12.29
N PRO A 29 13.25 32.00 -11.33
CA PRO A 29 14.33 31.05 -11.26
C PRO A 29 13.84 29.69 -10.95
N PRO A 30 14.60 28.70 -11.31
CA PRO A 30 14.13 27.34 -11.31
C PRO A 30 13.84 26.75 -9.95
N GLN A 31 12.71 26.07 -9.86
CA GLN A 31 12.32 25.36 -8.68
C GLN A 31 12.56 23.91 -9.02
N THR A 32 13.42 23.26 -8.27
CA THR A 32 13.71 21.87 -8.49
C THR A 32 12.75 20.86 -7.88
N PHE A 33 12.56 19.75 -8.57
CA PHE A 33 11.73 18.71 -8.07
C PHE A 33 12.34 17.41 -8.39
N LYS A 34 12.04 16.41 -7.62
CA LYS A 34 12.42 15.05 -7.94
C LYS A 34 11.27 14.37 -8.62
N VAL A 35 11.52 13.75 -9.74
CA VAL A 35 10.48 13.17 -10.56
C VAL A 35 10.87 11.80 -11.05
N VAL A 36 9.93 10.89 -11.10
CA VAL A 36 10.05 9.66 -11.85
C VAL A 36 9.85 9.91 -13.32
N PHE A 37 10.72 9.38 -14.15
CA PHE A 37 10.50 9.36 -15.56
C PHE A 37 9.79 8.09 -16.03
N ASP A 38 8.53 8.26 -16.35
CA ASP A 38 7.61 7.19 -16.55
C ASP A 38 7.20 7.05 -17.99
N THR A 39 7.65 5.99 -18.63
CA THR A 39 7.27 5.63 -19.99
C THR A 39 5.83 5.11 -20.12
N GLY A 40 5.25 4.74 -19.02
CA GLY A 40 3.89 4.31 -18.93
C GLY A 40 2.90 5.39 -18.62
N SER A 41 3.29 6.63 -18.65
CA SER A 41 2.36 7.71 -18.57
C SER A 41 2.85 8.84 -19.38
N SER A 42 1.97 9.76 -19.72
CA SER A 42 2.28 10.87 -20.60
C SER A 42 2.17 12.28 -20.05
N ASN A 43 1.94 12.46 -18.78
CA ASN A 43 1.69 13.77 -18.27
C ASN A 43 2.75 14.16 -17.32
N VAL A 44 2.96 15.45 -17.14
CA VAL A 44 3.83 15.98 -16.11
C VAL A 44 3.03 16.60 -14.98
N TRP A 45 3.36 16.25 -13.75
CA TRP A 45 2.84 16.90 -12.56
C TRP A 45 3.84 17.05 -11.42
N VAL A 46 3.69 18.08 -10.61
CA VAL A 46 4.41 18.26 -9.37
C VAL A 46 3.45 18.80 -8.40
N PRO A 47 3.77 18.75 -7.13
CA PRO A 47 2.92 19.36 -6.13
C PRO A 47 2.92 20.86 -6.10
N SER A 48 1.80 21.40 -5.71
CA SER A 48 1.46 22.78 -5.86
C SER A 48 1.47 23.44 -4.52
N SER A 49 1.90 24.67 -4.46
CA SER A 49 1.86 25.48 -3.28
C SER A 49 0.42 25.64 -2.84
N LYS A 50 -0.48 25.50 -3.76
CA LYS A 50 -1.85 25.46 -3.45
C LYS A 50 -2.36 24.20 -2.80
N CYS A 51 -1.60 23.15 -2.71
CA CYS A 51 -2.06 21.99 -2.04
C CYS A 51 -2.22 22.27 -0.57
N SER A 52 -3.38 21.96 -0.06
CA SER A 52 -3.64 22.03 1.33
C SER A 52 -2.74 21.13 2.16
N ARG A 53 -2.40 21.55 3.34
CA ARG A 53 -1.52 20.77 4.15
C ARG A 53 -2.31 19.69 4.86
N LEU A 54 -3.54 19.55 4.46
CA LEU A 54 -4.44 18.54 4.92
C LEU A 54 -4.05 17.24 4.26
N TYR A 55 -3.39 17.38 3.15
CA TYR A 55 -2.70 16.31 2.49
C TYR A 55 -1.32 16.32 3.03
N THR A 56 -0.93 15.26 3.67
CA THR A 56 0.33 15.19 4.30
C THR A 56 1.40 15.04 3.31
N ALA A 57 1.04 14.57 2.14
CA ALA A 57 2.01 14.38 1.09
C ALA A 57 2.55 15.71 0.57
N CYS A 58 1.74 16.73 0.68
CA CYS A 58 2.04 18.06 0.26
C CYS A 58 2.76 18.76 1.30
N VAL A 59 2.63 18.26 2.47
CA VAL A 59 3.54 18.69 3.54
C VAL A 59 4.99 18.20 3.44
N TYR A 60 5.13 16.97 3.00
CA TYR A 60 6.31 16.19 3.09
C TYR A 60 7.06 16.23 1.80
N HIS A 61 6.44 16.81 0.81
CA HIS A 61 7.08 16.95 -0.49
C HIS A 61 7.21 18.39 -0.83
N LYS A 62 8.10 18.69 -1.75
CA LYS A 62 8.30 19.98 -2.33
C LYS A 62 7.18 20.47 -3.22
N LEU A 63 6.88 21.75 -3.11
CA LEU A 63 5.73 22.40 -3.73
C LEU A 63 6.09 23.45 -4.71
N PHE A 64 5.49 23.44 -5.88
CA PHE A 64 5.71 24.47 -6.89
C PHE A 64 4.92 25.71 -6.58
N ASP A 65 5.57 26.86 -6.52
CA ASP A 65 4.91 28.14 -6.34
C ASP A 65 4.93 28.98 -7.61
N ALA A 66 3.77 29.14 -8.20
CA ALA A 66 3.63 29.82 -9.48
C ALA A 66 4.05 31.24 -9.39
N SER A 67 3.74 31.83 -8.26
CA SER A 67 3.98 33.22 -8.04
C SER A 67 5.42 33.60 -7.83
N ASP A 68 6.31 32.65 -7.65
CA ASP A 68 7.72 32.95 -7.53
C ASP A 68 8.40 32.87 -8.89
N SER A 69 7.66 32.62 -9.95
CA SER A 69 8.22 32.46 -11.27
C SER A 69 7.74 33.47 -12.28
N SER A 70 8.70 34.07 -12.96
CA SER A 70 8.54 34.96 -14.08
C SER A 70 8.08 34.38 -15.40
N SER A 71 8.33 33.11 -15.66
CA SER A 71 7.89 32.49 -16.87
C SER A 71 6.55 31.83 -16.76
N TYR A 72 5.92 31.90 -15.63
CA TYR A 72 4.70 31.20 -15.42
C TYR A 72 3.59 31.81 -16.18
N LYS A 73 2.80 30.98 -16.79
CA LYS A 73 1.63 31.40 -17.46
C LYS A 73 0.44 30.64 -16.95
N HIS A 74 -0.57 31.30 -16.46
CA HIS A 74 -1.78 30.67 -16.03
C HIS A 74 -2.61 29.95 -17.08
N ASN A 75 -3.13 28.79 -16.73
CA ASN A 75 -4.16 28.15 -17.48
C ASN A 75 -5.30 27.82 -16.56
N GLY A 76 -5.07 26.95 -15.62
CA GLY A 76 -6.01 26.68 -14.59
C GLY A 76 -7.08 25.69 -14.87
N THR A 77 -6.98 25.01 -15.99
CA THR A 77 -7.91 23.94 -16.32
C THR A 77 -7.69 22.72 -15.46
N GLU A 78 -8.75 22.16 -14.93
CA GLU A 78 -8.67 21.03 -14.03
C GLU A 78 -8.09 19.78 -14.63
N LEU A 79 -7.23 19.13 -13.89
CA LEU A 79 -6.66 17.87 -14.27
C LEU A 79 -6.80 16.77 -13.22
N THR A 80 -7.16 15.60 -13.66
CA THR A 80 -7.21 14.42 -12.83
C THR A 80 -6.40 13.30 -13.45
N LEU A 81 -5.47 12.75 -12.69
CA LEU A 81 -4.65 11.63 -13.11
C LEU A 81 -4.81 10.38 -12.29
N ARG A 82 -4.98 9.26 -12.97
CA ARG A 82 -5.23 7.96 -12.36
C ARG A 82 -4.08 7.02 -12.52
N TYR A 83 -3.66 6.43 -11.44
CA TYR A 83 -2.65 5.43 -11.52
C TYR A 83 -3.18 4.19 -10.86
N SER A 84 -2.45 3.13 -10.92
CA SER A 84 -2.99 1.90 -10.49
C SER A 84 -3.32 2.12 -9.07
N THR A 85 -2.62 3.05 -8.47
CA THR A 85 -2.64 3.18 -7.05
C THR A 85 -3.25 4.44 -6.50
N GLY A 86 -2.69 5.56 -6.87
CA GLY A 86 -3.18 6.85 -6.41
C GLY A 86 -3.93 7.56 -7.49
N THR A 87 -4.78 8.51 -7.13
CA THR A 87 -5.38 9.41 -8.08
C THR A 87 -5.01 10.77 -7.67
N VAL A 88 -4.51 11.58 -8.58
CA VAL A 88 -4.08 12.92 -8.27
C VAL A 88 -4.88 13.96 -9.01
N SER A 89 -5.00 15.13 -8.43
CA SER A 89 -5.84 16.18 -8.95
C SER A 89 -5.23 17.55 -8.87
N GLY A 90 -5.70 18.45 -9.69
CA GLY A 90 -5.10 19.75 -9.83
C GLY A 90 -5.54 20.51 -11.05
N PHE A 91 -4.68 21.41 -11.46
CA PHE A 91 -4.93 22.29 -12.58
C PHE A 91 -3.69 22.40 -13.43
N LEU A 92 -3.86 22.92 -14.63
CA LEU A 92 -2.78 23.16 -15.56
C LEU A 92 -2.14 24.50 -15.47
N SER A 93 -0.84 24.50 -15.64
CA SER A 93 0.03 25.66 -15.62
C SER A 93 1.07 25.56 -16.69
N GLN A 94 1.63 26.65 -17.13
CA GLN A 94 2.67 26.57 -18.07
C GLN A 94 3.88 27.28 -17.58
N ASP A 95 5.02 26.66 -17.73
CA ASP A 95 6.23 27.25 -17.32
C ASP A 95 7.34 26.54 -18.03
N ILE A 96 8.54 26.99 -17.83
CA ILE A 96 9.66 26.42 -18.46
C ILE A 96 10.24 25.32 -17.62
N ILE A 97 10.56 24.22 -18.26
CA ILE A 97 11.15 23.13 -17.56
C ILE A 97 12.49 22.76 -18.12
N THR A 98 13.46 22.56 -17.26
CA THR A 98 14.80 22.15 -17.63
C THR A 98 14.99 20.71 -17.35
N VAL A 99 15.41 19.92 -18.33
CA VAL A 99 15.92 18.58 -18.11
C VAL A 99 17.26 18.48 -18.73
N GLY A 100 18.26 18.14 -17.94
CA GLY A 100 19.58 18.15 -18.48
C GLY A 100 19.86 19.55 -18.89
N GLY A 101 20.35 19.75 -20.10
CA GLY A 101 20.64 21.07 -20.58
C GLY A 101 19.50 21.65 -21.37
N ILE A 102 18.45 20.89 -21.53
CA ILE A 102 17.40 21.26 -22.40
C ILE A 102 16.34 21.99 -21.65
N THR A 103 15.91 23.10 -22.21
CA THR A 103 14.88 23.88 -21.60
C THR A 103 13.69 23.87 -22.49
N VAL A 104 12.55 23.57 -21.94
CA VAL A 104 11.36 23.48 -22.73
C VAL A 104 10.25 24.17 -22.03
N THR A 105 9.45 24.87 -22.79
CA THR A 105 8.24 25.43 -22.29
C THR A 105 7.22 24.32 -22.29
N GLN A 106 6.61 24.07 -21.15
CA GLN A 106 5.77 22.91 -21.01
C GLN A 106 4.48 23.10 -20.29
N MET A 107 3.49 22.31 -20.60
CA MET A 107 2.26 22.34 -19.87
C MET A 107 2.20 21.18 -18.86
N PHE A 108 1.91 21.48 -17.63
CA PHE A 108 2.02 20.49 -16.63
C PHE A 108 0.94 20.66 -15.62
N GLY A 109 0.64 19.62 -14.88
CA GLY A 109 -0.26 19.75 -13.76
C GLY A 109 0.34 20.18 -12.47
N GLU A 110 -0.34 21.05 -11.77
CA GLU A 110 0.05 21.45 -10.45
C GLU A 110 -0.89 20.72 -9.55
N VAL A 111 -0.41 19.86 -8.69
CA VAL A 111 -1.32 19.01 -7.94
C VAL A 111 -1.72 19.55 -6.57
N THR A 112 -3.01 19.54 -6.35
CA THR A 112 -3.64 20.09 -5.18
C THR A 112 -4.33 19.07 -4.31
N GLU A 113 -4.41 17.85 -4.78
CA GLU A 113 -4.87 16.73 -3.98
C GLU A 113 -3.96 15.53 -4.15
N MET A 114 -3.09 15.26 -3.19
CA MET A 114 -2.22 14.07 -3.25
C MET A 114 -2.45 13.12 -2.09
N PRO A 115 -2.96 11.93 -2.32
CA PRO A 115 -3.20 11.02 -1.22
C PRO A 115 -1.97 10.46 -0.56
N ALA A 116 -2.11 10.19 0.72
CA ALA A 116 -1.08 9.61 1.52
C ALA A 116 -0.69 8.27 0.99
N LEU A 117 -1.63 7.46 0.58
CA LEU A 117 -1.27 6.32 -0.19
C LEU A 117 -1.50 6.60 -1.65
N PRO A 118 -0.43 6.68 -2.43
CA PRO A 118 0.88 6.23 -2.04
C PRO A 118 1.99 7.23 -1.84
N PHE A 119 1.75 8.52 -1.82
CA PHE A 119 2.79 9.49 -2.02
C PHE A 119 3.47 9.85 -0.75
N MET A 120 2.90 9.40 0.34
CA MET A 120 3.56 9.42 1.62
C MET A 120 4.73 8.47 1.61
N LEU A 121 4.72 7.55 0.67
CA LEU A 121 5.79 6.61 0.47
C LEU A 121 6.76 6.95 -0.60
N ALA A 122 6.54 8.03 -1.32
CA ALA A 122 7.42 8.48 -2.37
C ALA A 122 8.65 9.24 -1.91
N GLU A 123 9.78 8.86 -2.44
CA GLU A 123 10.98 9.58 -2.20
C GLU A 123 11.14 10.69 -3.21
N PHE A 124 10.20 10.75 -4.13
CA PHE A 124 10.12 11.68 -5.23
C PHE A 124 8.96 12.64 -5.09
N ASP A 125 9.07 13.81 -5.68
CA ASP A 125 7.98 14.76 -5.81
C ASP A 125 6.82 14.55 -6.80
N GLY A 126 7.14 14.24 -8.03
CA GLY A 126 6.19 14.29 -9.09
C GLY A 126 6.59 13.36 -10.18
N VAL A 127 5.82 13.26 -11.22
CA VAL A 127 6.25 12.45 -12.32
C VAL A 127 6.31 13.24 -13.61
N VAL A 128 7.23 12.83 -14.46
CA VAL A 128 7.29 13.30 -15.80
C VAL A 128 7.02 12.14 -16.72
N GLY A 129 5.84 12.08 -17.32
CA GLY A 129 5.51 11.05 -18.27
C GLY A 129 6.22 11.11 -19.60
N MET A 130 6.77 9.99 -19.99
CA MET A 130 7.50 9.81 -21.21
C MET A 130 6.75 9.04 -22.26
N GLY A 131 5.47 8.88 -22.10
CA GLY A 131 4.62 8.25 -23.05
C GLY A 131 4.13 9.10 -24.17
N PHE A 132 3.32 8.53 -25.03
CA PHE A 132 2.76 9.22 -26.17
C PHE A 132 1.62 10.18 -25.85
N ILE A 133 1.35 11.14 -26.71
CA ILE A 133 0.22 12.05 -26.54
C ILE A 133 -1.10 11.31 -26.56
N GLU A 134 -1.14 10.15 -27.15
CA GLU A 134 -2.32 9.39 -27.26
C GLU A 134 -2.84 9.05 -25.88
N GLN A 135 -1.95 8.99 -24.92
CA GLN A 135 -2.32 8.63 -23.59
C GLN A 135 -2.26 9.74 -22.57
N ALA A 136 -1.98 10.94 -23.02
CA ALA A 136 -1.97 12.05 -22.13
C ALA A 136 -3.38 12.45 -21.79
N ILE A 137 -3.62 12.66 -20.52
CA ILE A 137 -4.86 13.16 -20.05
C ILE A 137 -5.00 14.62 -20.38
N GLY A 138 -6.12 14.99 -20.96
CA GLY A 138 -6.39 16.32 -21.40
C GLY A 138 -5.83 16.67 -22.74
N ARG A 139 -5.23 15.71 -23.37
CA ARG A 139 -4.47 15.85 -24.58
C ARG A 139 -3.39 16.89 -24.45
N VAL A 140 -2.77 16.98 -23.29
CA VAL A 140 -1.62 17.83 -23.13
C VAL A 140 -0.44 17.27 -23.85
N THR A 141 0.25 18.12 -24.58
CA THR A 141 1.42 17.70 -25.27
C THR A 141 2.44 17.34 -24.24
N PRO A 142 2.94 16.14 -24.37
CA PRO A 142 3.90 15.58 -23.46
C PRO A 142 5.23 16.24 -23.63
N ILE A 143 6.09 16.14 -22.65
CA ILE A 143 7.35 16.84 -22.62
C ILE A 143 8.35 16.47 -23.71
N PHE A 144 8.48 15.21 -24.06
CA PHE A 144 9.34 14.75 -25.12
C PHE A 144 9.00 15.20 -26.52
N ASP A 145 7.74 15.25 -26.85
CA ASP A 145 7.27 15.76 -28.10
C ASP A 145 7.64 17.21 -28.30
N ASN A 146 7.54 17.99 -27.25
CA ASN A 146 7.93 19.37 -27.18
C ASN A 146 9.38 19.60 -27.34
N ILE A 147 10.19 18.71 -26.80
CA ILE A 147 11.60 18.70 -27.03
C ILE A 147 11.96 18.41 -28.46
N ILE A 148 11.28 17.46 -29.05
CA ILE A 148 11.48 17.08 -30.42
C ILE A 148 11.17 18.26 -31.30
N SER A 149 10.18 19.02 -30.90
CA SER A 149 9.78 20.20 -31.60
C SER A 149 10.86 21.19 -31.57
N GLN A 150 11.62 21.19 -30.53
CA GLN A 150 12.67 22.11 -30.38
C GLN A 150 13.72 21.85 -31.45
N GLY A 151 13.71 20.65 -31.97
CA GLY A 151 14.71 20.26 -32.93
C GLY A 151 16.15 20.25 -32.49
N VAL A 152 16.43 19.86 -31.26
CA VAL A 152 17.78 19.91 -30.80
C VAL A 152 18.51 18.59 -30.55
N LEU A 153 17.80 17.51 -30.38
CA LEU A 153 18.46 16.25 -30.14
C LEU A 153 19.07 15.70 -31.39
N LYS A 154 20.12 14.92 -31.24
CA LYS A 154 20.72 14.19 -32.33
C LYS A 154 19.84 13.16 -32.97
N GLU A 155 19.15 12.41 -32.16
CA GLU A 155 18.25 11.40 -32.62
C GLU A 155 17.04 11.54 -31.75
N ASP A 156 15.87 11.28 -32.28
CA ASP A 156 14.66 11.40 -31.51
C ASP A 156 14.40 10.16 -30.73
N VAL A 157 15.27 9.92 -29.75
CA VAL A 157 15.22 8.77 -28.88
C VAL A 157 15.60 9.19 -27.51
N PHE A 158 15.31 8.36 -26.52
CA PHE A 158 15.81 8.51 -25.16
C PHE A 158 16.16 7.16 -24.55
N SER A 159 17.03 7.14 -23.57
CA SER A 159 17.48 5.88 -23.01
C SER A 159 17.61 5.88 -21.52
N PHE A 160 17.53 4.71 -20.95
CA PHE A 160 17.48 4.51 -19.53
C PHE A 160 18.49 3.48 -19.11
N TYR A 161 19.28 3.82 -18.12
CA TYR A 161 20.15 2.94 -17.38
C TYR A 161 19.72 2.94 -15.94
N TYR A 162 19.49 1.79 -15.34
CA TYR A 162 19.09 1.69 -13.96
C TYR A 162 20.10 0.85 -13.29
N ASN A 163 20.54 1.20 -12.09
CA ASN A 163 21.55 0.44 -11.40
C ASN A 163 21.09 -0.27 -10.16
N ARG A 164 21.83 -1.28 -9.76
CA ARG A 164 21.66 -1.90 -8.48
C ARG A 164 22.11 -0.96 -7.39
N ASP A 165 21.38 -0.98 -6.30
CA ASP A 165 21.60 -0.08 -5.24
C ASP A 165 22.91 -0.43 -4.66
N SER A 166 23.69 0.57 -4.34
CA SER A 166 24.97 0.35 -3.73
C SER A 166 25.12 1.15 -2.46
N GLU A 167 25.89 0.61 -1.53
CA GLU A 167 26.36 1.33 -0.35
C GLU A 167 27.25 2.51 -0.70
N ASN A 168 28.00 2.43 -1.78
CA ASN A 168 28.90 3.49 -2.15
C ASN A 168 28.24 4.80 -2.40
N SER A 169 28.85 5.87 -1.92
CA SER A 169 28.44 7.21 -2.28
C SER A 169 28.64 7.49 -3.77
N GLN A 170 29.76 7.03 -4.27
CA GLN A 170 30.16 7.23 -5.64
C GLN A 170 29.25 6.58 -6.68
N SER A 171 28.65 5.47 -6.33
CA SER A 171 27.92 4.69 -7.29
C SER A 171 26.73 5.43 -7.87
N LEU A 172 26.56 5.30 -9.17
CA LEU A 172 25.56 6.03 -9.92
C LEU A 172 24.29 5.24 -10.01
N GLY A 173 23.24 5.73 -9.40
CA GLY A 173 21.99 5.02 -9.38
C GLY A 173 21.27 4.77 -10.68
N GLY A 174 21.25 5.76 -11.51
CA GLY A 174 20.66 5.64 -12.81
C GLY A 174 21.11 6.77 -13.71
N GLN A 175 20.83 6.64 -14.98
CA GLN A 175 20.95 7.73 -15.86
C GLN A 175 19.91 7.70 -16.95
N ILE A 176 19.38 8.83 -17.33
CA ILE A 176 18.67 8.92 -18.56
C ILE A 176 19.36 9.80 -19.58
N VAL A 177 19.28 9.41 -20.84
CA VAL A 177 19.84 10.20 -21.90
C VAL A 177 18.80 10.70 -22.87
N LEU A 178 18.85 11.99 -23.16
CA LEU A 178 17.99 12.58 -24.14
C LEU A 178 18.68 12.71 -25.48
N GLY A 179 18.15 12.01 -26.45
CA GLY A 179 18.69 11.99 -27.79
C GLY A 179 19.68 10.90 -28.07
N GLY A 180 19.84 9.95 -27.19
CA GLY A 180 20.84 8.94 -27.42
C GLY A 180 20.91 7.89 -26.36
N SER A 181 21.99 7.15 -26.38
CA SER A 181 22.27 6.19 -25.39
C SER A 181 23.68 6.38 -25.03
N ASP A 182 24.09 5.94 -23.85
CA ASP A 182 25.45 6.04 -23.39
C ASP A 182 26.09 4.68 -23.34
N PRO A 183 27.15 4.46 -24.10
CA PRO A 183 27.67 3.11 -24.26
C PRO A 183 28.60 2.72 -23.17
N GLN A 184 28.79 3.62 -22.25
CA GLN A 184 29.46 3.27 -21.04
C GLN A 184 28.61 2.33 -20.25
N HIS A 185 27.33 2.33 -20.54
CA HIS A 185 26.42 1.57 -19.74
C HIS A 185 25.76 0.38 -20.40
N TYR A 186 26.09 0.12 -21.65
CA TYR A 186 25.66 -1.10 -22.30
C TYR A 186 26.77 -1.74 -23.09
N GLU A 187 26.75 -3.06 -23.22
CA GLU A 187 27.70 -3.75 -24.03
C GLU A 187 27.09 -4.29 -25.28
N GLY A 188 27.79 -4.17 -26.38
CA GLY A 188 27.28 -4.65 -27.63
C GLY A 188 26.37 -3.72 -28.36
N ASN A 189 25.48 -4.33 -29.12
CA ASN A 189 24.63 -3.57 -29.98
C ASN A 189 23.23 -3.78 -29.54
N PHE A 190 22.38 -2.84 -29.84
CA PHE A 190 21.01 -2.95 -29.48
C PHE A 190 20.29 -3.97 -30.33
N HIS A 191 19.34 -4.67 -29.72
CA HIS A 191 18.37 -5.44 -30.45
C HIS A 191 17.05 -4.70 -30.38
N TYR A 192 16.48 -4.40 -31.52
CA TYR A 192 15.34 -3.55 -31.62
C TYR A 192 14.10 -4.28 -31.87
N ILE A 193 13.07 -3.96 -31.13
CA ILE A 193 11.77 -4.52 -31.34
C ILE A 193 10.80 -3.40 -31.64
N ASN A 194 10.02 -3.56 -32.69
CA ASN A 194 9.03 -2.62 -33.10
C ASN A 194 7.83 -2.58 -32.22
N LEU A 195 7.28 -1.41 -32.02
CA LEU A 195 6.06 -1.26 -31.27
C LEU A 195 4.91 -1.82 -32.05
N ILE A 196 3.92 -2.32 -31.37
CA ILE A 196 2.72 -2.79 -31.97
C ILE A 196 2.06 -1.66 -32.67
N LYS A 197 1.98 -0.53 -32.04
CA LYS A 197 1.49 0.66 -32.67
C LYS A 197 2.09 1.83 -31.96
N THR A 198 2.08 2.98 -32.60
CA THR A 198 2.49 4.21 -32.00
C THR A 198 1.48 4.60 -30.95
N GLY A 199 1.93 5.35 -29.98
CA GLY A 199 1.14 5.73 -28.86
C GLY A 199 1.25 4.94 -27.58
N VAL A 200 1.93 3.82 -27.57
CA VAL A 200 2.21 3.13 -26.34
C VAL A 200 3.54 2.41 -26.43
N TRP A 201 4.34 2.45 -25.39
CA TRP A 201 5.61 1.81 -25.47
C TRP A 201 5.43 0.38 -25.16
N GLN A 202 4.82 -0.35 -26.08
CA GLN A 202 4.42 -1.72 -25.86
C GLN A 202 4.75 -2.53 -27.05
N ILE A 203 5.19 -3.74 -26.81
CA ILE A 203 5.61 -4.68 -27.80
C ILE A 203 5.03 -6.05 -27.56
N GLN A 204 5.18 -6.90 -28.54
CA GLN A 204 4.78 -8.30 -28.45
C GLN A 204 5.76 -9.17 -27.76
N MET A 205 5.23 -10.09 -26.99
CA MET A 205 6.00 -11.09 -26.29
C MET A 205 5.57 -12.49 -26.71
N LYS A 206 6.54 -13.29 -27.14
CA LYS A 206 6.29 -14.64 -27.59
C LYS A 206 5.90 -15.60 -26.46
N GLY A 207 6.66 -15.58 -25.36
CA GLY A 207 6.43 -16.51 -24.30
C GLY A 207 7.12 -16.11 -23.06
N VAL A 208 6.73 -16.70 -21.97
CA VAL A 208 7.46 -16.56 -20.74
C VAL A 208 7.84 -17.92 -20.15
N SER A 209 9.12 -18.12 -19.92
CA SER A 209 9.65 -19.41 -19.50
C SER A 209 10.13 -19.44 -18.07
N VAL A 210 9.69 -20.43 -17.34
CA VAL A 210 10.31 -20.74 -16.08
C VAL A 210 11.15 -21.97 -16.24
N GLY A 211 12.45 -21.80 -16.38
CA GLY A 211 13.27 -22.91 -16.73
C GLY A 211 13.29 -23.29 -18.18
N SER A 212 13.41 -24.58 -18.45
CA SER A 212 13.34 -25.14 -19.80
C SER A 212 11.97 -25.04 -20.42
N SER A 213 10.96 -25.50 -19.68
CA SER A 213 9.57 -25.48 -20.10
C SER A 213 8.95 -24.09 -20.33
N THR A 214 8.17 -23.95 -21.39
CA THR A 214 7.49 -22.69 -21.67
C THR A 214 6.19 -22.58 -20.98
N LEU A 215 6.20 -22.18 -19.73
CA LEU A 215 4.99 -22.04 -18.98
C LEU A 215 3.94 -20.99 -19.40
N LEU A 216 4.33 -19.77 -19.73
CA LEU A 216 3.36 -18.70 -19.84
C LEU A 216 3.40 -17.87 -21.10
N CYS A 217 2.32 -17.19 -21.36
CA CYS A 217 2.18 -16.32 -22.46
C CYS A 217 2.62 -17.11 -23.62
N GLU A 218 2.20 -18.34 -23.60
CA GLU A 218 2.62 -19.36 -24.51
C GLU A 218 2.05 -19.20 -25.86
N ASP A 219 0.99 -18.45 -25.99
CA ASP A 219 0.49 -18.13 -27.28
C ASP A 219 0.56 -16.67 -27.53
N GLY A 220 1.58 -16.04 -26.98
CA GLY A 220 1.81 -14.63 -27.13
C GLY A 220 1.12 -13.74 -26.14
N CYS A 221 1.66 -12.57 -25.92
CA CYS A 221 1.07 -11.63 -25.04
C CYS A 221 1.65 -10.29 -25.23
N LEU A 222 1.35 -9.39 -24.32
CA LEU A 222 1.72 -8.03 -24.54
C LEU A 222 2.76 -7.61 -23.51
N ALA A 223 3.72 -6.81 -23.91
CA ALA A 223 4.72 -6.29 -23.01
C ALA A 223 4.89 -4.77 -23.08
N LEU A 224 4.64 -4.11 -21.98
CA LEU A 224 4.79 -2.71 -21.88
C LEU A 224 6.15 -2.47 -21.33
N VAL A 225 6.93 -1.56 -21.87
CA VAL A 225 8.21 -1.29 -21.24
C VAL A 225 8.10 -0.03 -20.40
N ASP A 226 7.98 -0.24 -19.10
CA ASP A 226 7.62 0.77 -18.12
C ASP A 226 8.70 1.15 -17.14
N THR A 227 9.28 2.30 -17.34
CA THR A 227 10.25 2.88 -16.46
C THR A 227 9.72 3.40 -15.15
N GLY A 228 8.44 3.65 -15.10
CA GLY A 228 7.71 3.96 -13.91
C GLY A 228 7.52 2.86 -12.93
N ALA A 229 7.64 1.65 -13.39
CA ALA A 229 7.34 0.50 -12.58
C ALA A 229 8.54 -0.14 -11.87
N SER A 230 8.41 -0.45 -10.60
CA SER A 230 9.43 -1.09 -9.81
C SER A 230 9.74 -2.53 -10.14
N TYR A 231 8.69 -3.30 -10.18
CA TYR A 231 8.71 -4.69 -10.35
C TYR A 231 8.20 -5.00 -11.73
N ILE A 232 8.59 -6.14 -12.23
CA ILE A 232 7.91 -6.80 -13.30
C ILE A 232 6.52 -7.23 -12.90
N SER A 233 5.58 -7.03 -13.81
CA SER A 233 4.21 -7.40 -13.58
C SER A 233 3.54 -8.18 -14.68
N GLY A 234 2.61 -8.99 -14.28
CA GLY A 234 1.81 -9.80 -15.14
C GLY A 234 0.39 -9.85 -14.67
N SER A 235 -0.43 -10.55 -15.40
CA SER A 235 -1.78 -10.74 -15.05
C SER A 235 -1.87 -11.60 -13.85
N THR A 236 -2.95 -11.47 -13.12
CA THR A 236 -3.05 -12.16 -11.90
C THR A 236 -2.99 -13.64 -12.16
N SER A 237 -3.57 -14.07 -13.25
CA SER A 237 -3.48 -15.45 -13.67
C SER A 237 -2.10 -15.89 -14.13
N SER A 238 -1.42 -15.07 -14.88
CA SER A 238 -0.09 -15.35 -15.30
C SER A 238 0.85 -15.47 -14.16
N ILE A 239 0.76 -14.52 -13.25
CA ILE A 239 1.58 -14.44 -12.08
C ILE A 239 1.35 -15.56 -11.07
N GLU A 240 0.12 -15.96 -10.89
CA GLU A 240 -0.19 -16.98 -9.94
C GLU A 240 0.52 -18.22 -10.31
N LYS A 241 0.50 -18.54 -11.60
CA LYS A 241 1.09 -19.77 -12.10
C LYS A 241 2.60 -19.74 -12.02
N LEU A 242 3.17 -18.57 -12.33
CA LEU A 242 4.58 -18.41 -12.30
C LEU A 242 5.06 -18.52 -10.89
N MET A 243 4.28 -18.00 -9.98
CA MET A 243 4.55 -18.06 -8.56
C MET A 243 4.44 -19.44 -7.97
N GLU A 244 3.50 -20.21 -8.45
CA GLU A 244 3.41 -21.59 -8.09
C GLU A 244 4.60 -22.35 -8.60
N ALA A 245 5.05 -22.02 -9.77
CA ALA A 245 6.20 -22.67 -10.30
C ALA A 245 7.43 -22.42 -9.46
N LEU A 246 7.53 -21.30 -8.79
CA LEU A 246 8.68 -21.06 -7.97
C LEU A 246 8.55 -21.47 -6.52
N GLY A 247 7.40 -21.90 -6.08
CA GLY A 247 7.20 -22.26 -4.72
C GLY A 247 7.11 -21.04 -3.90
N ALA A 248 6.88 -19.94 -4.55
CA ALA A 248 6.77 -18.66 -3.91
C ALA A 248 5.51 -18.58 -3.13
N LYS A 249 5.53 -17.77 -2.10
CA LYS A 249 4.40 -17.64 -1.24
C LYS A 249 3.85 -16.24 -1.20
N LYS A 250 2.59 -16.12 -0.89
CA LYS A 250 1.93 -14.84 -0.95
C LYS A 250 1.53 -14.32 0.37
N ARG A 251 1.80 -13.04 0.49
CA ARG A 251 1.86 -12.30 1.68
C ARG A 251 1.04 -11.15 1.27
N LEU A 252 0.70 -10.28 2.20
CA LEU A 252 -0.17 -9.15 1.91
C LEU A 252 0.34 -8.15 0.90
N PHE A 253 1.60 -7.76 0.95
CA PHE A 253 2.16 -6.88 -0.04
C PHE A 253 3.00 -7.51 -1.11
N ASP A 254 3.53 -8.68 -0.84
CA ASP A 254 4.54 -9.24 -1.70
C ASP A 254 4.58 -10.73 -1.92
N TYR A 255 5.45 -11.15 -2.78
CA TYR A 255 5.71 -12.55 -2.97
C TYR A 255 7.08 -12.87 -2.42
N VAL A 256 7.18 -14.00 -1.72
CA VAL A 256 8.37 -14.41 -1.00
C VAL A 256 8.73 -15.87 -1.12
N VAL A 257 10.01 -16.11 -0.90
CA VAL A 257 10.56 -17.42 -0.77
C VAL A 257 11.41 -17.33 0.44
N LYS A 258 11.69 -18.46 1.03
CA LYS A 258 12.69 -18.60 2.03
C LYS A 258 14.02 -18.10 1.53
N CYS A 259 14.60 -17.16 2.27
CA CYS A 259 15.80 -16.44 1.84
C CYS A 259 16.95 -17.34 1.37
N ASN A 260 16.88 -18.62 1.73
CA ASN A 260 17.93 -19.57 1.41
C ASN A 260 17.74 -20.39 0.17
N GLU A 261 16.56 -20.27 -0.38
CA GLU A 261 16.17 -21.06 -1.47
C GLU A 261 16.17 -20.28 -2.76
N GLY A 262 16.43 -18.99 -2.67
CA GLY A 262 16.40 -18.07 -3.78
C GLY A 262 17.38 -18.24 -4.88
N PRO A 263 18.59 -18.51 -4.50
CA PRO A 263 19.67 -18.74 -5.43
C PRO A 263 19.48 -19.96 -6.32
N THR A 264 18.72 -20.94 -5.90
CA THR A 264 18.49 -22.12 -6.72
C THR A 264 17.19 -22.15 -7.50
N LEU A 265 16.49 -21.04 -7.49
CA LEU A 265 15.32 -20.86 -8.29
C LEU A 265 15.69 -20.73 -9.73
N PRO A 266 14.75 -21.14 -10.54
CA PRO A 266 14.91 -21.18 -11.97
C PRO A 266 14.95 -19.81 -12.60
N ASP A 267 15.58 -19.70 -13.74
CA ASP A 267 15.67 -18.48 -14.47
C ASP A 267 14.32 -18.17 -15.03
N ILE A 268 14.02 -16.90 -15.27
CA ILE A 268 12.81 -16.51 -15.93
C ILE A 268 13.18 -15.81 -17.21
N SER A 269 12.68 -16.32 -18.31
CA SER A 269 13.00 -15.73 -19.59
C SER A 269 11.81 -15.13 -20.30
N PHE A 270 12.02 -14.00 -20.88
CA PHE A 270 11.02 -13.30 -21.57
C PHE A 270 11.41 -13.34 -22.99
N HIS A 271 10.53 -13.76 -23.86
CA HIS A 271 10.89 -13.93 -25.24
C HIS A 271 10.43 -12.73 -26.07
N LEU A 272 11.34 -11.87 -26.43
CA LEU A 272 10.98 -10.70 -27.16
C LEU A 272 11.82 -10.47 -28.35
N GLY A 273 11.19 -10.24 -29.49
CA GLY A 273 11.88 -9.93 -30.71
C GLY A 273 12.67 -11.07 -31.22
N GLY A 274 12.22 -12.26 -30.91
CA GLY A 274 12.86 -13.49 -31.30
C GLY A 274 14.03 -13.96 -30.49
N LYS A 275 14.31 -13.32 -29.37
CA LYS A 275 15.49 -13.52 -28.58
C LYS A 275 14.99 -13.83 -27.20
N GLU A 276 15.77 -14.51 -26.38
CA GLU A 276 15.35 -14.86 -25.03
C GLU A 276 16.00 -13.87 -24.09
N TYR A 277 15.22 -13.20 -23.26
CA TYR A 277 15.79 -12.25 -22.32
C TYR A 277 15.65 -12.80 -20.96
N THR A 278 16.75 -13.08 -20.33
CA THR A 278 16.78 -13.93 -19.16
C THR A 278 17.20 -13.29 -17.85
N LEU A 279 16.41 -13.51 -16.83
CA LEU A 279 16.73 -13.05 -15.50
C LEU A 279 16.89 -14.22 -14.59
N THR A 280 18.02 -14.28 -13.94
CA THR A 280 18.28 -15.27 -12.92
C THR A 280 17.73 -14.82 -11.60
N SER A 281 17.70 -15.70 -10.63
CA SER A 281 17.13 -15.39 -9.34
C SER A 281 17.91 -14.32 -8.63
N ALA A 282 19.13 -14.12 -9.06
CA ALA A 282 19.95 -13.00 -8.64
C ALA A 282 19.51 -11.60 -9.11
N ASP A 283 18.91 -11.57 -10.27
CA ASP A 283 18.14 -10.46 -10.73
C ASP A 283 16.77 -10.27 -10.08
N TYR A 284 16.16 -11.32 -9.58
CA TYR A 284 14.77 -11.25 -9.12
C TYR A 284 14.41 -11.49 -7.65
N VAL A 285 15.35 -11.92 -6.84
CA VAL A 285 15.09 -11.97 -5.43
C VAL A 285 15.91 -10.88 -4.80
N PHE A 286 15.33 -10.23 -3.81
CA PHE A 286 16.04 -9.26 -3.02
C PHE A 286 16.56 -10.07 -1.90
N GLN A 287 17.80 -10.45 -1.99
CA GLN A 287 18.37 -11.37 -1.07
C GLN A 287 19.03 -10.63 0.07
N GLU A 288 18.24 -10.33 1.07
CA GLU A 288 18.65 -9.74 2.32
C GLU A 288 19.52 -10.60 3.22
N SER A 289 19.28 -11.89 3.20
CA SER A 289 20.00 -12.81 3.99
C SER A 289 19.83 -14.10 3.20
N TYR A 290 20.42 -15.18 3.68
CA TYR A 290 20.27 -16.49 3.07
C TYR A 290 19.74 -17.47 4.09
N SER A 291 19.18 -16.92 5.17
CA SER A 291 18.67 -17.71 6.24
C SER A 291 17.47 -18.50 5.80
N SER A 292 17.37 -19.74 6.23
CA SER A 292 16.28 -20.59 5.88
C SER A 292 15.17 -20.23 6.79
N LYS A 293 15.42 -19.21 7.54
CA LYS A 293 14.52 -18.83 8.54
C LYS A 293 13.84 -17.53 8.19
N LYS A 294 14.37 -16.85 7.19
CA LYS A 294 13.84 -15.59 6.81
C LYS A 294 13.21 -15.68 5.44
N LEU A 295 12.34 -14.77 5.12
CA LEU A 295 11.62 -14.81 3.85
C LEU A 295 12.02 -13.70 2.94
N CYS A 296 12.13 -14.06 1.71
CA CYS A 296 12.72 -13.05 0.84
C CYS A 296 11.72 -12.57 -0.21
N THR A 297 11.76 -11.28 -0.52
CA THR A 297 10.87 -10.70 -1.50
C THR A 297 11.35 -10.89 -2.92
N LEU A 298 10.43 -11.25 -3.79
CA LEU A 298 10.63 -11.24 -5.23
C LEU A 298 10.21 -9.91 -5.84
N ALA A 299 10.88 -9.50 -6.87
CA ALA A 299 10.50 -8.28 -7.53
C ALA A 299 9.54 -8.48 -8.68
N ILE A 300 8.52 -9.24 -8.47
CA ILE A 300 7.56 -9.50 -9.49
C ILE A 300 6.28 -9.41 -8.71
N HIS A 301 5.22 -8.92 -9.29
CA HIS A 301 3.93 -8.96 -8.67
C HIS A 301 2.89 -8.95 -9.73
N ALA A 302 1.67 -9.24 -9.38
CA ALA A 302 0.55 -9.09 -10.27
C ALA A 302 0.07 -7.66 -10.40
N MET A 303 -0.19 -7.21 -11.60
CA MET A 303 -0.94 -6.02 -11.79
C MET A 303 -1.80 -6.19 -12.99
N ASP A 304 -3.10 -6.27 -12.85
CA ASP A 304 -3.97 -6.30 -14.02
C ASP A 304 -4.29 -4.93 -14.53
N ILE A 305 -3.74 -4.62 -15.67
CA ILE A 305 -3.80 -3.35 -16.27
C ILE A 305 -4.93 -3.50 -17.26
N PRO A 306 -5.90 -2.62 -17.18
CA PRO A 306 -7.09 -2.75 -17.96
C PRO A 306 -6.96 -2.23 -19.36
N PRO A 307 -7.93 -2.56 -20.15
CA PRO A 307 -7.99 -2.18 -21.54
C PRO A 307 -8.17 -0.72 -21.59
N PRO A 308 -7.77 -0.06 -22.64
CA PRO A 308 -7.10 -0.58 -23.81
C PRO A 308 -5.65 -1.11 -23.74
N THR A 309 -4.80 -0.62 -22.84
CA THR A 309 -3.41 -1.08 -22.68
C THR A 309 -3.21 -2.52 -22.23
N GLY A 310 -4.03 -2.97 -21.32
CA GLY A 310 -4.05 -4.33 -20.85
C GLY A 310 -5.01 -5.25 -21.51
N PRO A 311 -4.93 -6.51 -21.19
CA PRO A 311 -3.95 -7.05 -20.27
C PRO A 311 -2.57 -7.00 -20.85
N THR A 312 -1.59 -6.75 -20.00
CA THR A 312 -0.23 -6.70 -20.45
C THR A 312 0.73 -7.02 -19.35
N TRP A 313 1.89 -7.51 -19.69
CA TRP A 313 2.99 -7.55 -18.78
C TRP A 313 3.57 -6.17 -18.79
N ALA A 314 4.16 -5.78 -17.69
CA ALA A 314 4.92 -4.56 -17.66
C ALA A 314 6.35 -4.89 -17.31
N LEU A 315 7.29 -4.41 -18.07
CA LEU A 315 8.65 -4.67 -17.74
C LEU A 315 9.25 -3.50 -17.07
N GLY A 316 9.31 -3.57 -15.76
CA GLY A 316 9.85 -2.57 -14.88
C GLY A 316 11.32 -2.60 -14.57
N ALA A 317 11.72 -1.93 -13.52
CA ALA A 317 13.12 -1.78 -13.20
C ALA A 317 13.84 -3.09 -12.96
N THR A 318 13.11 -4.10 -12.60
CA THR A 318 13.69 -5.36 -12.39
C THR A 318 14.31 -5.83 -13.66
N PHE A 319 13.60 -5.67 -14.77
CA PHE A 319 14.11 -5.85 -16.10
C PHE A 319 15.15 -4.86 -16.63
N ILE A 320 14.90 -3.59 -16.44
CA ILE A 320 15.72 -2.51 -16.90
C ILE A 320 17.09 -2.50 -16.26
N ARG A 321 17.17 -3.04 -15.07
CA ARG A 321 18.45 -3.20 -14.46
C ARG A 321 19.36 -4.10 -15.26
N LYS A 322 18.89 -5.24 -15.73
CA LYS A 322 19.63 -5.98 -16.70
C LYS A 322 19.78 -5.38 -18.08
N PHE A 323 18.74 -4.78 -18.59
CA PHE A 323 18.82 -4.39 -19.94
C PHE A 323 18.73 -2.92 -20.14
N TYR A 324 19.76 -2.32 -20.66
CA TYR A 324 19.74 -0.94 -21.01
C TYR A 324 18.68 -0.78 -22.07
N THR A 325 17.85 0.24 -21.95
CA THR A 325 16.72 0.39 -22.85
C THR A 325 16.65 1.69 -23.60
N GLU A 326 16.65 1.61 -24.91
CA GLU A 326 16.51 2.75 -25.77
C GLU A 326 15.10 2.84 -26.31
N PHE A 327 14.47 3.97 -26.12
CA PHE A 327 13.12 4.21 -26.56
C PHE A 327 13.20 5.09 -27.76
N ASP A 328 12.76 4.58 -28.90
CA ASP A 328 12.94 5.27 -30.15
C ASP A 328 11.71 5.88 -30.78
N ARG A 329 11.55 7.16 -30.62
CA ARG A 329 10.39 7.85 -31.18
C ARG A 329 10.28 7.94 -32.68
N ARG A 330 11.38 8.15 -33.37
CA ARG A 330 11.38 8.18 -34.81
C ARG A 330 11.03 6.89 -35.50
N ASN A 331 11.62 5.80 -35.03
CA ASN A 331 11.40 4.53 -35.66
C ASN A 331 10.41 3.63 -34.99
N ASN A 332 9.79 4.10 -33.92
CA ASN A 332 8.80 3.35 -33.17
C ASN A 332 9.29 1.99 -32.70
N ARG A 333 10.48 1.95 -32.17
CA ARG A 333 11.09 0.73 -31.72
C ARG A 333 11.66 0.91 -30.36
N ILE A 334 11.77 -0.19 -29.64
CA ILE A 334 12.46 -0.17 -28.41
C ILE A 334 13.69 -0.97 -28.60
N GLY A 335 14.79 -0.46 -28.12
CA GLY A 335 16.04 -1.20 -28.15
C GLY A 335 16.47 -1.74 -26.81
N PHE A 336 16.99 -2.95 -26.81
CA PHE A 336 17.60 -3.52 -25.63
C PHE A 336 19.07 -3.86 -25.86
N ALA A 337 19.89 -3.65 -24.85
CA ALA A 337 21.29 -4.08 -24.78
C ALA A 337 21.63 -4.51 -23.36
N LEU A 338 22.71 -5.23 -23.14
CA LEU A 338 23.08 -5.64 -21.81
C LEU A 338 23.66 -4.49 -21.01
N ALA A 339 23.11 -4.26 -19.85
CA ALA A 339 23.48 -3.15 -19.07
C ALA A 339 24.86 -3.34 -18.45
N ARG A 340 25.48 -2.24 -18.11
CA ARG A 340 26.74 -2.30 -17.48
C ARG A 340 27.19 -0.91 -17.14
N GLY B 4 -16.86 -3.77 41.69
CA GLY B 4 -16.65 -2.77 40.68
C GLY B 4 -17.91 -2.06 40.26
N ASN B 5 -17.88 -0.76 40.32
CA ASN B 5 -18.93 0.05 39.77
C ASN B 5 -18.48 0.79 38.51
N THR B 6 -17.27 0.56 38.02
CA THR B 6 -16.72 1.48 37.01
C THR B 6 -16.72 1.05 35.60
N THR B 7 -17.16 1.95 34.72
CA THR B 7 -16.94 1.82 33.29
C THR B 7 -16.37 3.08 32.67
N SER B 8 -15.14 3.06 32.21
CA SER B 8 -14.60 4.14 31.40
C SER B 8 -14.93 4.09 29.93
N SER B 9 -14.62 5.16 29.23
CA SER B 9 -14.85 5.14 27.82
C SER B 9 -13.96 6.06 27.00
N VAL B 10 -13.46 5.59 25.86
CA VAL B 10 -12.62 6.41 25.02
C VAL B 10 -13.29 6.81 23.77
N ILE B 11 -13.24 8.09 23.46
CA ILE B 11 -13.72 8.61 22.20
C ILE B 11 -12.75 8.26 21.13
N LEU B 12 -13.28 7.92 19.96
CA LEU B 12 -12.46 7.54 18.82
C LEU B 12 -12.66 8.39 17.55
N THR B 13 -11.62 8.51 16.78
CA THR B 13 -11.63 9.17 15.50
C THR B 13 -11.77 8.18 14.34
N ASN B 14 -12.61 8.46 13.38
CA ASN B 14 -12.71 7.66 12.21
C ASN B 14 -11.96 8.39 11.14
N TYR B 15 -10.89 7.82 10.62
CA TYR B 15 -10.21 8.42 9.52
C TYR B 15 -10.46 7.60 8.29
N MET B 16 -11.35 8.10 7.45
CA MET B 16 -11.56 7.65 6.09
C MET B 16 -12.29 6.34 6.07
N ASP B 17 -12.76 5.95 7.23
CA ASP B 17 -13.46 4.72 7.47
C ASP B 17 -12.55 3.54 7.49
N THR B 18 -11.27 3.81 7.51
CA THR B 18 -10.28 2.78 7.47
C THR B 18 -9.36 2.72 8.69
N GLN B 19 -9.26 3.79 9.45
CA GLN B 19 -8.46 3.85 10.65
C GLN B 19 -9.32 4.37 11.81
N TYR B 20 -9.45 3.63 12.91
CA TYR B 20 -10.18 4.10 14.06
C TYR B 20 -9.24 4.10 15.25
N TYR B 21 -9.13 5.22 15.93
CA TYR B 21 -8.19 5.40 17.01
C TYR B 21 -8.63 6.34 18.10
N GLY B 22 -8.14 6.09 19.29
CA GLY B 22 -8.54 6.80 20.48
C GLY B 22 -7.32 7.14 21.25
N GLU B 23 -7.45 7.89 22.31
CA GLU B 23 -6.27 8.37 22.97
C GLU B 23 -5.92 7.71 24.29
N ILE B 24 -4.65 7.41 24.47
CA ILE B 24 -4.11 7.00 25.73
C ILE B 24 -2.95 7.88 26.15
N GLY B 25 -2.80 8.06 27.45
CA GLY B 25 -1.72 8.85 27.98
C GLY B 25 -0.79 8.02 28.80
N ILE B 26 0.49 8.20 28.61
CA ILE B 26 1.44 7.43 29.38
C ILE B 26 2.44 8.30 30.14
N GLY B 27 2.66 7.95 31.38
CA GLY B 27 3.63 8.63 32.20
C GLY B 27 3.15 9.84 32.94
N THR B 28 4.03 10.36 33.78
CA THR B 28 3.76 11.58 34.50
C THR B 28 4.84 12.56 34.15
N PRO B 29 4.42 13.69 33.65
CA PRO B 29 3.03 13.88 33.28
C PRO B 29 2.71 13.05 32.02
N PRO B 30 1.45 12.73 31.79
CA PRO B 30 1.10 11.82 30.71
C PRO B 30 1.52 12.34 29.39
N GLN B 31 2.09 11.49 28.57
CA GLN B 31 2.30 11.83 27.20
C GLN B 31 1.24 11.07 26.44
N THR B 32 0.41 11.80 25.72
CA THR B 32 -0.66 11.23 24.93
C THR B 32 -0.25 10.69 23.60
N PHE B 33 -0.93 9.62 23.22
CA PHE B 33 -0.71 8.90 21.98
C PHE B 33 -2.00 8.53 21.38
N LYS B 34 -2.08 8.40 20.06
CA LYS B 34 -3.28 7.90 19.45
C LYS B 34 -3.09 6.46 19.14
N VAL B 35 -4.06 5.65 19.51
CA VAL B 35 -3.92 4.21 19.47
C VAL B 35 -5.10 3.48 18.89
N VAL B 36 -4.83 2.35 18.30
CA VAL B 36 -5.88 1.51 17.76
C VAL B 36 -6.14 0.44 18.77
N PHE B 37 -7.37 0.25 19.17
CA PHE B 37 -7.66 -0.85 20.01
C PHE B 37 -7.97 -2.08 19.19
N ASP B 38 -7.05 -3.01 19.21
CA ASP B 38 -7.08 -4.20 18.39
C ASP B 38 -7.39 -5.52 19.12
N THR B 39 -8.56 -6.10 18.95
CA THR B 39 -8.88 -7.39 19.57
C THR B 39 -8.13 -8.55 18.97
N GLY B 40 -7.48 -8.27 17.88
CA GLY B 40 -6.73 -9.25 17.15
C GLY B 40 -5.26 -9.29 17.45
N SER B 41 -4.84 -8.52 18.42
CA SER B 41 -3.48 -8.56 18.90
C SER B 41 -3.50 -8.37 20.38
N SER B 42 -2.44 -8.72 21.05
CA SER B 42 -2.40 -8.71 22.51
C SER B 42 -1.35 -7.85 23.17
N ASN B 43 -0.49 -7.18 22.43
CA ASN B 43 0.48 -6.29 23.01
C ASN B 43 0.20 -4.82 22.84
N VAL B 44 0.79 -4.01 23.68
CA VAL B 44 0.70 -2.58 23.60
C VAL B 44 1.99 -2.02 23.10
N TRP B 45 1.96 -1.16 22.10
CA TRP B 45 3.13 -0.40 21.70
C TRP B 45 2.91 1.07 21.34
N VAL B 46 3.92 1.88 21.55
CA VAL B 46 4.02 3.22 21.00
C VAL B 46 5.43 3.49 20.51
N PRO B 47 5.62 4.51 19.73
CA PRO B 47 6.94 4.83 19.24
C PRO B 47 7.84 5.44 20.27
N SER B 48 9.11 5.06 20.26
CA SER B 48 10.14 5.60 21.12
C SER B 48 10.75 6.91 20.70
N SER B 49 11.23 7.66 21.68
CA SER B 49 12.13 8.78 21.47
C SER B 49 13.36 8.18 20.89
N LYS B 50 13.57 6.94 21.27
CA LYS B 50 14.66 6.15 20.83
C LYS B 50 14.67 5.74 19.37
N CYS B 51 13.57 5.83 18.66
CA CYS B 51 13.53 5.51 17.25
C CYS B 51 14.31 6.47 16.40
N SER B 52 15.27 5.96 15.65
CA SER B 52 16.06 6.79 14.79
C SER B 52 15.24 7.51 13.78
N ARG B 53 15.80 8.56 13.22
CA ARG B 53 15.04 9.37 12.36
C ARG B 53 15.29 8.81 11.01
N LEU B 54 15.94 7.69 10.98
CA LEU B 54 16.13 7.03 9.74
C LEU B 54 14.83 6.32 9.44
N TYR B 55 13.91 6.47 10.36
CA TYR B 55 12.58 5.95 10.24
C TYR B 55 11.68 7.12 10.09
N THR B 56 11.45 7.54 8.86
CA THR B 56 10.72 8.78 8.66
C THR B 56 9.40 8.71 9.36
N ALA B 57 8.89 7.51 9.55
CA ALA B 57 7.65 7.32 10.25
C ALA B 57 7.81 7.79 11.68
N CYS B 58 9.01 7.65 12.20
CA CYS B 58 9.25 7.98 13.58
C CYS B 58 9.41 9.45 13.78
N VAL B 59 9.53 10.17 12.69
CA VAL B 59 9.37 11.62 12.66
C VAL B 59 7.96 12.16 12.76
N TYR B 60 7.03 11.52 12.09
CA TYR B 60 5.73 12.07 11.78
C TYR B 60 4.69 11.70 12.86
N HIS B 61 5.16 11.01 13.90
CA HIS B 61 4.33 10.55 15.01
C HIS B 61 4.83 10.94 16.41
N LYS B 62 3.97 10.91 17.41
CA LYS B 62 4.40 11.14 18.79
C LYS B 62 5.30 10.06 19.27
N LEU B 63 6.33 10.42 20.01
CA LEU B 63 7.28 9.49 20.52
C LEU B 63 7.17 9.58 22.00
N PHE B 64 7.44 8.51 22.70
CA PHE B 64 7.35 8.54 24.12
C PHE B 64 8.74 8.48 24.72
N ASP B 65 9.01 9.46 25.58
CA ASP B 65 10.28 9.64 26.19
C ASP B 65 10.19 9.30 27.65
N ALA B 66 10.94 8.30 28.07
CA ALA B 66 10.97 7.89 29.45
C ALA B 66 11.46 9.04 30.33
N SER B 67 12.41 9.78 29.79
CA SER B 67 13.19 10.65 30.59
C SER B 67 12.26 11.65 31.13
N ASP B 68 11.07 11.74 30.57
CA ASP B 68 10.16 12.75 30.99
C ASP B 68 9.09 12.17 31.85
N SER B 69 9.27 10.97 32.37
CA SER B 69 8.23 10.42 33.23
C SER B 69 8.75 9.98 34.57
N SER B 70 8.12 10.44 35.62
CA SER B 70 8.58 10.09 36.93
C SER B 70 7.92 8.82 37.39
N SER B 71 7.05 8.28 36.56
CA SER B 71 6.39 7.04 36.90
C SER B 71 7.06 5.87 36.22
N TYR B 72 7.95 6.17 35.31
CA TYR B 72 8.56 5.17 34.47
C TYR B 72 9.55 4.25 35.16
N LYS B 73 9.44 2.95 34.93
CA LYS B 73 10.44 1.98 35.37
C LYS B 73 11.02 1.33 34.15
N HIS B 74 12.31 1.25 34.07
CA HIS B 74 12.93 0.66 32.91
C HIS B 74 12.89 -0.85 32.88
N ASN B 75 13.00 -1.46 31.71
CA ASN B 75 13.19 -2.90 31.60
C ASN B 75 14.17 -3.31 30.53
N GLY B 76 13.82 -3.08 29.28
CA GLY B 76 14.70 -3.35 28.18
C GLY B 76 14.74 -4.72 27.53
N THR B 77 13.86 -5.61 27.87
CA THR B 77 13.79 -6.86 27.14
C THR B 77 13.40 -6.61 25.69
N GLU B 78 13.99 -7.33 24.76
CA GLU B 78 13.80 -7.03 23.36
C GLU B 78 12.62 -7.72 22.72
N LEU B 79 11.93 -6.94 21.92
CA LEU B 79 10.61 -7.24 21.39
C LEU B 79 10.36 -6.98 19.90
N THR B 80 9.87 -7.99 19.21
CA THR B 80 9.42 -7.86 17.87
C THR B 80 7.96 -8.22 17.76
N LEU B 81 7.18 -7.45 17.04
CA LEU B 81 5.78 -7.80 16.83
C LEU B 81 5.51 -7.81 15.36
N ARG B 82 4.79 -8.83 14.94
CA ARG B 82 4.56 -9.04 13.55
C ARG B 82 3.10 -8.97 13.24
N TYR B 83 2.77 -8.25 12.18
CA TYR B 83 1.44 -8.24 11.65
C TYR B 83 1.60 -8.65 10.23
N SER B 84 0.50 -8.55 9.49
CA SER B 84 0.31 -8.98 8.11
C SER B 84 1.17 -8.21 7.21
N THR B 85 1.19 -6.99 7.60
CA THR B 85 1.90 -5.85 7.13
C THR B 85 3.40 -5.89 7.33
N GLY B 86 3.83 -6.58 8.34
CA GLY B 86 5.24 -6.70 8.59
C GLY B 86 5.50 -6.51 10.03
N THR B 87 6.75 -6.27 10.34
CA THR B 87 7.29 -6.30 11.68
C THR B 87 7.68 -4.99 12.30
N VAL B 88 7.43 -4.82 13.59
CA VAL B 88 8.01 -3.72 14.35
C VAL B 88 8.90 -4.29 15.41
N SER B 89 9.89 -3.51 15.80
CA SER B 89 10.87 -3.91 16.78
C SER B 89 11.11 -2.86 17.82
N GLY B 90 11.60 -3.29 18.97
CA GLY B 90 11.77 -2.45 20.13
C GLY B 90 12.14 -3.13 21.42
N PHE B 91 11.78 -2.49 22.51
CA PHE B 91 12.09 -2.96 23.85
C PHE B 91 10.97 -2.69 24.83
N LEU B 92 10.90 -3.48 25.89
CA LEU B 92 9.91 -3.33 26.92
C LEU B 92 10.19 -2.21 27.88
N SER B 93 9.15 -1.63 28.46
CA SER B 93 9.26 -0.55 29.41
C SER B 93 8.00 -0.61 30.22
N GLN B 94 7.96 0.00 31.39
CA GLN B 94 6.79 0.03 32.23
C GLN B 94 6.45 1.43 32.65
N ASP B 95 5.18 1.76 32.70
CA ASP B 95 4.75 3.08 33.13
C ASP B 95 3.24 3.08 33.30
N ILE B 96 2.68 4.22 33.64
CA ILE B 96 1.27 4.28 33.93
C ILE B 96 0.45 4.77 32.77
N ILE B 97 -0.56 3.99 32.43
CA ILE B 97 -1.35 4.23 31.25
C ILE B 97 -2.74 4.50 31.65
N THR B 98 -3.31 5.53 31.10
CA THR B 98 -4.68 5.79 31.42
C THR B 98 -5.55 5.63 30.19
N VAL B 99 -6.62 4.87 30.34
CA VAL B 99 -7.60 4.70 29.31
C VAL B 99 -8.92 5.17 29.81
N GLY B 100 -9.33 6.34 29.38
CA GLY B 100 -10.52 6.97 29.89
C GLY B 100 -10.34 7.30 31.34
N GLY B 101 -11.27 6.87 32.17
CA GLY B 101 -11.17 6.96 33.60
C GLY B 101 -10.08 6.16 34.24
N ILE B 102 -9.73 5.03 33.67
CA ILE B 102 -8.83 4.07 34.24
C ILE B 102 -7.36 4.32 34.08
N THR B 103 -6.58 3.98 35.09
CA THR B 103 -5.13 4.07 35.06
C THR B 103 -4.62 2.72 35.42
N VAL B 104 -3.64 2.22 34.70
CA VAL B 104 -3.10 0.90 34.94
C VAL B 104 -1.60 0.96 34.88
N THR B 105 -0.96 0.04 35.55
CA THR B 105 0.47 -0.05 35.44
C THR B 105 0.75 -1.12 34.44
N GLN B 106 1.42 -0.77 33.38
CA GLN B 106 1.52 -1.69 32.30
C GLN B 106 2.88 -1.76 31.69
N MET B 107 3.29 -2.96 31.31
CA MET B 107 4.47 -3.12 30.50
C MET B 107 4.16 -2.98 29.01
N PHE B 108 4.96 -2.21 28.30
CA PHE B 108 4.63 -1.86 26.95
C PHE B 108 5.85 -1.83 26.09
N GLY B 109 5.64 -1.87 24.79
CA GLY B 109 6.74 -1.89 23.86
C GLY B 109 7.07 -0.50 23.43
N GLU B 110 8.34 -0.15 23.41
CA GLU B 110 8.77 1.15 22.94
C GLU B 110 9.48 0.80 21.66
N VAL B 111 8.95 1.28 20.54
CA VAL B 111 9.31 0.75 19.26
C VAL B 111 10.36 1.61 18.65
N THR B 112 11.40 0.98 18.15
CA THR B 112 12.50 1.74 17.64
C THR B 112 12.69 1.55 16.16
N GLU B 113 12.11 0.50 15.60
CA GLU B 113 12.07 0.39 14.17
C GLU B 113 10.63 0.38 13.71
N MET B 114 10.24 1.38 12.94
CA MET B 114 8.90 1.52 12.37
C MET B 114 8.98 1.72 10.85
N PRO B 115 8.74 0.70 10.06
CA PRO B 115 8.86 0.87 8.64
C PRO B 115 7.85 1.81 8.00
N ALA B 116 8.24 2.48 6.94
CA ALA B 116 7.40 3.45 6.24
C ALA B 116 6.17 2.84 5.66
N LEU B 117 6.30 1.64 5.15
CA LEU B 117 5.17 0.86 4.83
C LEU B 117 5.01 -0.16 5.94
N PRO B 118 3.99 -0.03 6.76
CA PRO B 118 2.86 0.84 6.53
C PRO B 118 2.75 2.05 7.42
N PHE B 119 3.66 2.31 8.33
CA PHE B 119 3.39 3.29 9.33
C PHE B 119 3.43 4.75 8.92
N MET B 120 3.97 5.02 7.76
CA MET B 120 3.83 6.33 7.12
C MET B 120 2.40 6.61 6.62
N LEU B 121 1.58 5.60 6.55
CA LEU B 121 0.22 5.71 6.13
C LEU B 121 -0.69 5.79 7.31
N ALA B 122 -0.13 5.92 8.48
CA ALA B 122 -0.91 5.87 9.69
C ALA B 122 -1.19 7.20 10.32
N GLU B 123 -2.43 7.42 10.60
CA GLU B 123 -2.86 8.47 11.45
C GLU B 123 -2.56 8.29 12.92
N PHE B 124 -2.57 7.06 13.38
CA PHE B 124 -2.35 6.72 14.76
C PHE B 124 -0.90 6.63 15.10
N ASP B 125 -0.57 6.63 16.37
CA ASP B 125 0.82 6.41 16.76
C ASP B 125 1.20 4.95 17.02
N GLY B 126 0.42 4.22 17.77
CA GLY B 126 0.72 2.86 18.14
C GLY B 126 -0.55 2.08 18.28
N VAL B 127 -0.41 0.85 18.73
CA VAL B 127 -1.56 0.00 18.94
C VAL B 127 -1.70 -0.60 20.34
N VAL B 128 -2.91 -0.67 20.83
CA VAL B 128 -3.13 -1.29 22.10
C VAL B 128 -3.86 -2.60 21.93
N GLY B 129 -3.21 -3.72 22.17
CA GLY B 129 -3.89 -4.98 22.05
C GLY B 129 -4.93 -5.36 23.08
N MET B 130 -6.09 -5.71 22.59
CA MET B 130 -7.21 -6.14 23.38
C MET B 130 -7.51 -7.61 23.32
N GLY B 131 -6.58 -8.37 22.79
CA GLY B 131 -6.57 -9.81 22.81
C GLY B 131 -6.07 -10.49 24.07
N PHE B 132 -6.22 -11.79 24.09
CA PHE B 132 -5.81 -12.62 25.20
C PHE B 132 -4.32 -12.82 25.34
N ILE B 133 -3.90 -13.17 26.53
CA ILE B 133 -2.53 -13.43 26.89
C ILE B 133 -1.92 -14.59 26.16
N GLU B 134 -2.74 -15.51 25.71
CA GLU B 134 -2.28 -16.66 24.99
C GLU B 134 -1.62 -16.22 23.74
N GLN B 135 -2.06 -15.10 23.22
CA GLN B 135 -1.54 -14.66 21.99
C GLN B 135 -0.52 -13.60 22.15
N ALA B 136 -0.20 -13.27 23.38
CA ALA B 136 0.77 -12.24 23.64
C ALA B 136 2.18 -12.64 23.43
N ILE B 137 2.99 -11.65 23.22
CA ILE B 137 4.34 -11.85 22.80
C ILE B 137 5.24 -11.41 23.90
N GLY B 138 6.18 -12.25 24.27
CA GLY B 138 7.11 -11.92 25.32
C GLY B 138 6.41 -12.26 26.59
N ARG B 139 5.25 -12.80 26.45
CA ARG B 139 4.46 -13.23 27.57
C ARG B 139 4.01 -12.06 28.42
N VAL B 140 4.10 -10.85 27.90
CA VAL B 140 3.68 -9.68 28.61
C VAL B 140 2.19 -9.75 28.87
N THR B 141 1.74 -9.31 30.03
CA THR B 141 0.34 -9.36 30.36
C THR B 141 -0.41 -8.25 29.66
N PRO B 142 -1.52 -8.57 29.03
CA PRO B 142 -2.28 -7.61 28.28
C PRO B 142 -3.02 -6.64 29.15
N ILE B 143 -3.23 -5.47 28.62
CA ILE B 143 -3.67 -4.36 29.37
C ILE B 143 -5.04 -4.58 29.97
N PHE B 144 -5.90 -5.26 29.27
CA PHE B 144 -7.20 -5.57 29.77
C PHE B 144 -7.09 -6.55 30.89
N ASP B 145 -6.11 -7.40 30.86
CA ASP B 145 -5.94 -8.29 31.98
C ASP B 145 -5.61 -7.53 33.24
N ASN B 146 -4.67 -6.62 33.17
CA ASN B 146 -4.32 -5.82 34.31
C ASN B 146 -5.48 -4.98 34.82
N ILE B 147 -6.36 -4.53 33.95
CA ILE B 147 -7.55 -3.82 34.36
C ILE B 147 -8.53 -4.66 35.09
N ILE B 148 -8.63 -5.92 34.72
CA ILE B 148 -9.53 -6.86 35.35
C ILE B 148 -9.12 -7.07 36.80
N SER B 149 -7.80 -7.11 36.98
CA SER B 149 -7.07 -7.27 38.22
C SER B 149 -7.27 -6.18 39.20
N GLN B 150 -7.41 -4.97 38.72
CA GLN B 150 -7.60 -3.90 39.62
C GLN B 150 -8.92 -4.19 40.25
N GLY B 151 -9.68 -5.07 39.70
CA GLY B 151 -10.94 -5.37 40.32
C GLY B 151 -11.87 -4.20 40.28
N VAL B 152 -11.57 -3.19 39.51
CA VAL B 152 -12.42 -2.02 39.28
C VAL B 152 -13.70 -2.09 38.44
N LEU B 153 -13.67 -2.81 37.33
CA LEU B 153 -14.72 -2.79 36.32
C LEU B 153 -16.07 -3.29 36.71
N LYS B 154 -17.11 -2.70 36.17
CA LYS B 154 -18.44 -3.16 36.44
C LYS B 154 -18.75 -4.56 35.94
N GLU B 155 -18.36 -4.88 34.73
CA GLU B 155 -18.41 -6.21 34.18
C GLU B 155 -17.13 -6.34 33.43
N ASP B 156 -16.65 -7.55 33.23
CA ASP B 156 -15.40 -7.70 32.53
C ASP B 156 -15.62 -7.82 31.07
N VAL B 157 -16.21 -6.80 30.49
CA VAL B 157 -16.49 -6.75 29.09
C VAL B 157 -16.07 -5.40 28.64
N PHE B 158 -15.71 -5.30 27.39
CA PHE B 158 -15.49 -4.05 26.72
C PHE B 158 -16.23 -4.11 25.43
N SER B 159 -16.57 -2.97 24.89
CA SER B 159 -17.38 -2.92 23.69
C SER B 159 -16.98 -1.86 22.69
N PHE B 160 -17.38 -2.03 21.43
CA PHE B 160 -17.01 -1.13 20.34
C PHE B 160 -18.18 -0.51 19.51
N TYR B 161 -18.12 0.80 19.32
CA TYR B 161 -18.93 1.49 18.33
C TYR B 161 -18.04 2.10 17.29
N TYR B 162 -18.32 1.83 16.03
CA TYR B 162 -17.66 2.47 14.90
C TYR B 162 -18.66 3.21 14.03
N ASN B 163 -18.46 4.50 13.82
CA ASN B 163 -19.32 5.31 12.97
C ASN B 163 -19.03 5.26 11.51
N ARG B 164 -19.97 5.71 10.68
CA ARG B 164 -19.85 5.83 9.24
C ARG B 164 -19.48 7.24 9.01
N ASP B 165 -18.62 7.52 8.07
CA ASP B 165 -18.06 8.85 7.97
C ASP B 165 -18.95 9.89 7.41
N SER B 166 -18.77 11.10 7.89
CA SER B 166 -19.44 12.28 7.39
C SER B 166 -18.42 13.39 7.11
N SER B 171 -20.20 14.42 13.76
CA SER B 171 -20.64 13.19 14.36
C SER B 171 -19.44 12.74 15.19
N LEU B 172 -19.57 11.65 15.90
CA LEU B 172 -18.53 11.08 16.72
C LEU B 172 -17.95 9.92 15.97
N GLY B 173 -16.66 9.84 15.85
CA GLY B 173 -16.07 8.76 15.10
C GLY B 173 -16.21 7.37 15.65
N GLY B 174 -15.92 7.20 16.92
CA GLY B 174 -16.18 5.95 17.57
C GLY B 174 -16.12 6.00 19.06
N GLN B 175 -16.51 4.93 19.71
CA GLN B 175 -16.37 4.81 21.15
C GLN B 175 -16.00 3.44 21.61
N ILE B 176 -15.05 3.34 22.51
CA ILE B 176 -14.88 2.10 23.20
C ILE B 176 -15.26 2.24 24.66
N VAL B 177 -16.00 1.26 25.18
CA VAL B 177 -16.43 1.22 26.55
C VAL B 177 -15.79 0.09 27.29
N LEU B 178 -15.18 0.38 28.41
CA LEU B 178 -14.52 -0.64 29.19
C LEU B 178 -15.39 -0.94 30.35
N GLY B 179 -15.77 -2.20 30.49
CA GLY B 179 -16.68 -2.63 31.51
C GLY B 179 -18.15 -2.60 31.24
N GLY B 180 -18.53 -2.36 30.02
CA GLY B 180 -19.93 -2.32 29.75
C GLY B 180 -20.13 -2.06 28.31
N SER B 181 -21.36 -1.84 27.91
CA SER B 181 -21.72 -1.49 26.57
C SER B 181 -22.63 -0.28 26.63
N ASP B 182 -22.83 0.45 25.54
CA ASP B 182 -23.60 1.68 25.55
C ASP B 182 -24.84 1.71 24.67
N PRO B 183 -26.02 1.79 25.26
CA PRO B 183 -27.29 1.66 24.55
C PRO B 183 -27.62 2.83 23.64
N GLN B 184 -26.86 3.90 23.78
CA GLN B 184 -26.91 5.04 22.93
C GLN B 184 -26.51 4.64 21.53
N HIS B 185 -25.63 3.66 21.42
CA HIS B 185 -25.11 3.30 20.13
C HIS B 185 -25.53 2.00 19.53
N TYR B 186 -26.47 1.32 20.13
CA TYR B 186 -27.00 0.12 19.58
C TYR B 186 -28.43 0.13 19.95
N GLU B 187 -29.21 -0.70 19.31
CA GLU B 187 -30.60 -0.80 19.60
C GLU B 187 -30.94 -2.24 19.72
N GLY B 188 -31.99 -2.57 20.41
CA GLY B 188 -32.33 -3.95 20.59
C GLY B 188 -31.49 -4.65 21.61
N ASN B 189 -31.37 -5.95 21.43
CA ASN B 189 -30.65 -6.83 22.33
C ASN B 189 -29.42 -7.45 21.70
N PHE B 190 -28.47 -7.83 22.51
CA PHE B 190 -27.37 -8.58 21.98
C PHE B 190 -27.73 -10.00 21.61
N HIS B 191 -27.06 -10.49 20.60
CA HIS B 191 -27.12 -11.87 20.30
C HIS B 191 -25.76 -12.36 20.67
N TYR B 192 -25.71 -13.36 21.51
CA TYR B 192 -24.44 -13.78 22.07
C TYR B 192 -23.98 -15.12 21.55
N ILE B 193 -22.71 -15.15 21.17
CA ILE B 193 -22.14 -16.28 20.55
C ILE B 193 -20.90 -16.73 21.31
N ASN B 194 -20.73 -18.01 21.47
CA ASN B 194 -19.57 -18.57 22.11
C ASN B 194 -18.33 -18.37 21.31
N LEU B 195 -17.23 -18.09 21.98
CA LEU B 195 -15.92 -18.25 21.41
C LEU B 195 -15.69 -19.73 21.27
N ILE B 196 -14.95 -20.17 20.27
CA ILE B 196 -14.56 -21.55 20.20
C ILE B 196 -13.56 -22.11 21.18
N LYS B 197 -12.44 -21.43 21.25
CA LYS B 197 -11.32 -21.84 22.05
C LYS B 197 -10.98 -20.60 22.76
N THR B 198 -10.50 -20.68 23.97
CA THR B 198 -10.20 -19.45 24.68
C THR B 198 -8.93 -18.93 24.09
N GLY B 199 -8.59 -17.70 24.35
CA GLY B 199 -7.39 -17.12 23.82
C GLY B 199 -7.44 -16.39 22.49
N VAL B 200 -8.57 -16.42 21.82
CA VAL B 200 -8.71 -15.72 20.57
C VAL B 200 -10.14 -15.25 20.47
N TRP B 201 -10.38 -14.07 19.93
CA TRP B 201 -11.74 -13.62 19.75
C TRP B 201 -12.26 -14.11 18.43
N GLN B 202 -12.58 -15.39 18.34
CA GLN B 202 -12.91 -16.05 17.11
C GLN B 202 -14.17 -16.86 17.33
N ILE B 203 -15.02 -16.93 16.33
CA ILE B 203 -16.29 -17.65 16.43
C ILE B 203 -16.52 -18.53 15.24
N GLN B 204 -17.39 -19.50 15.37
CA GLN B 204 -17.75 -20.35 14.27
C GLN B 204 -18.71 -19.65 13.33
N MET B 205 -18.43 -19.76 12.03
CA MET B 205 -19.27 -19.22 11.02
C MET B 205 -19.74 -20.39 10.21
N LYS B 206 -21.03 -20.49 10.00
CA LYS B 206 -21.55 -21.58 9.23
C LYS B 206 -21.78 -21.32 7.77
N GLY B 207 -21.87 -20.09 7.33
CA GLY B 207 -21.90 -19.84 5.93
C GLY B 207 -21.66 -18.41 5.59
N VAL B 208 -21.28 -18.14 4.35
CA VAL B 208 -21.26 -16.83 3.75
C VAL B 208 -22.15 -16.86 2.50
N SER B 209 -23.08 -15.95 2.41
CA SER B 209 -24.05 -15.96 1.33
C SER B 209 -23.97 -14.70 0.51
N VAL B 210 -24.15 -14.82 -0.79
CA VAL B 210 -24.28 -13.67 -1.65
C VAL B 210 -25.67 -13.76 -2.18
N GLY B 211 -26.48 -12.78 -1.82
CA GLY B 211 -27.90 -12.89 -1.96
C GLY B 211 -28.43 -14.06 -1.15
N SER B 212 -29.16 -14.94 -1.80
CA SER B 212 -29.66 -16.11 -1.14
C SER B 212 -28.85 -17.34 -1.34
N SER B 213 -27.81 -17.30 -2.14
CA SER B 213 -27.02 -18.47 -2.37
C SER B 213 -25.82 -18.53 -1.49
N THR B 214 -25.71 -19.56 -0.70
CA THR B 214 -24.51 -19.77 0.05
C THR B 214 -23.38 -20.14 -0.87
N LEU B 215 -22.26 -19.50 -0.72
CA LEU B 215 -21.22 -19.60 -1.68
C LEU B 215 -19.99 -20.22 -1.08
N LEU B 216 -19.86 -20.04 0.21
CA LEU B 216 -18.66 -20.35 0.92
C LEU B 216 -18.96 -20.81 2.33
N CYS B 217 -18.01 -21.57 2.85
CA CYS B 217 -17.87 -21.89 4.22
C CYS B 217 -19.07 -22.66 4.69
N GLU B 218 -19.51 -23.57 3.84
CA GLU B 218 -20.75 -24.29 4.02
C GLU B 218 -20.62 -25.38 5.01
N ASP B 219 -19.43 -25.94 5.12
CA ASP B 219 -19.19 -26.97 6.10
C ASP B 219 -18.48 -26.32 7.23
N GLY B 220 -18.71 -25.04 7.41
CA GLY B 220 -18.20 -24.27 8.52
C GLY B 220 -16.85 -23.64 8.37
N CYS B 221 -16.56 -22.69 9.23
CA CYS B 221 -15.27 -22.04 9.20
C CYS B 221 -15.16 -21.06 10.30
N LEU B 222 -14.17 -20.21 10.26
CA LEU B 222 -13.87 -19.51 11.46
C LEU B 222 -14.00 -18.02 11.20
N ALA B 223 -14.49 -17.27 12.15
CA ALA B 223 -14.38 -15.84 12.07
C ALA B 223 -13.81 -15.19 13.30
N LEU B 224 -12.77 -14.44 13.08
CA LEU B 224 -12.17 -13.61 14.05
C LEU B 224 -12.85 -12.27 14.04
N VAL B 225 -13.22 -11.76 15.19
CA VAL B 225 -13.88 -10.47 15.24
C VAL B 225 -12.85 -9.44 15.61
N ASP B 226 -12.30 -8.78 14.61
CA ASP B 226 -11.09 -8.01 14.74
C ASP B 226 -11.30 -6.50 14.70
N THR B 227 -11.20 -5.87 15.83
CA THR B 227 -11.36 -4.42 15.89
C THR B 227 -10.29 -3.55 15.26
N GLY B 228 -9.10 -4.13 15.19
CA GLY B 228 -7.98 -3.64 14.45
C GLY B 228 -8.03 -3.70 12.97
N ALA B 229 -8.85 -4.54 12.41
CA ALA B 229 -8.96 -4.67 10.97
C ALA B 229 -9.89 -3.66 10.29
N SER B 230 -9.40 -3.05 9.23
CA SER B 230 -10.14 -2.11 8.42
C SER B 230 -11.26 -2.69 7.67
N TYR B 231 -10.98 -3.79 7.02
CA TYR B 231 -11.90 -4.44 6.15
C TYR B 231 -12.30 -5.77 6.70
N ILE B 232 -13.27 -6.37 6.08
CA ILE B 232 -13.56 -7.74 6.22
C ILE B 232 -12.59 -8.46 5.34
N SER B 233 -12.07 -9.55 5.83
CA SER B 233 -11.11 -10.32 5.10
C SER B 233 -11.46 -11.78 5.12
N GLY B 234 -10.96 -12.48 4.14
CA GLY B 234 -11.16 -13.88 3.99
C GLY B 234 -9.88 -14.30 3.38
N SER B 235 -9.73 -15.58 3.20
CA SER B 235 -8.62 -16.16 2.51
C SER B 235 -8.67 -15.93 1.07
N THR B 236 -7.53 -16.01 0.43
CA THR B 236 -7.38 -15.53 -0.87
C THR B 236 -8.33 -16.22 -1.77
N SER B 237 -8.44 -17.51 -1.61
CA SER B 237 -9.31 -18.31 -2.43
C SER B 237 -10.78 -18.04 -2.23
N SER B 238 -11.17 -17.81 -1.01
CA SER B 238 -12.51 -17.42 -0.65
C SER B 238 -12.94 -16.08 -1.19
N ILE B 239 -12.08 -15.10 -1.09
CA ILE B 239 -12.28 -13.79 -1.61
C ILE B 239 -12.35 -13.78 -3.10
N GLU B 240 -11.61 -14.64 -3.75
CA GLU B 240 -11.72 -14.77 -5.18
C GLU B 240 -13.09 -15.20 -5.64
N LYS B 241 -13.62 -16.19 -4.99
CA LYS B 241 -14.93 -16.64 -5.26
C LYS B 241 -16.01 -15.63 -4.98
N LEU B 242 -15.93 -14.98 -3.86
CA LEU B 242 -16.87 -13.97 -3.49
C LEU B 242 -16.78 -12.78 -4.42
N MET B 243 -15.59 -12.40 -4.81
CA MET B 243 -15.40 -11.29 -5.69
C MET B 243 -15.94 -11.52 -7.08
N GLU B 244 -15.83 -12.73 -7.57
CA GLU B 244 -16.33 -13.13 -8.84
C GLU B 244 -17.84 -13.10 -8.89
N ALA B 245 -18.47 -13.52 -7.83
CA ALA B 245 -19.90 -13.47 -7.73
C ALA B 245 -20.40 -12.07 -7.73
N LEU B 246 -19.57 -11.15 -7.29
CA LEU B 246 -19.89 -9.75 -7.27
C LEU B 246 -19.50 -8.93 -8.46
N GLY B 247 -18.77 -9.46 -9.41
CA GLY B 247 -18.35 -8.68 -10.53
C GLY B 247 -17.27 -7.67 -10.30
N ALA B 248 -16.58 -7.76 -9.20
CA ALA B 248 -15.43 -6.97 -8.88
C ALA B 248 -14.14 -7.33 -9.61
N LYS B 249 -13.30 -6.34 -9.77
CA LYS B 249 -12.04 -6.58 -10.41
C LYS B 249 -10.97 -6.20 -9.48
N LYS B 250 -9.86 -6.86 -9.60
CA LYS B 250 -8.76 -6.60 -8.75
C LYS B 250 -7.97 -5.51 -9.40
N ARG B 251 -7.62 -4.48 -8.65
CA ARG B 251 -6.65 -3.51 -9.11
C ARG B 251 -5.26 -3.89 -8.65
N LEU B 252 -4.62 -3.04 -7.90
CA LEU B 252 -3.34 -3.42 -7.39
C LEU B 252 -3.56 -4.32 -6.25
N PHE B 253 -4.12 -3.85 -5.17
CA PHE B 253 -4.33 -4.78 -4.05
C PHE B 253 -5.76 -4.96 -3.67
N ASP B 254 -6.59 -4.04 -4.15
CA ASP B 254 -7.98 -3.94 -3.76
C ASP B 254 -8.98 -4.29 -4.81
N TYR B 255 -10.21 -4.32 -4.42
CA TYR B 255 -11.25 -4.69 -5.34
C TYR B 255 -12.19 -3.54 -5.66
N VAL B 256 -12.58 -3.42 -6.89
CA VAL B 256 -13.42 -2.35 -7.33
C VAL B 256 -14.54 -2.83 -8.18
N VAL B 257 -15.59 -2.07 -8.15
CA VAL B 257 -16.68 -2.19 -9.09
C VAL B 257 -16.81 -0.85 -9.74
N LYS B 258 -17.57 -0.82 -10.81
CA LYS B 258 -17.93 0.41 -11.41
C LYS B 258 -18.90 1.09 -10.49
N CYS B 259 -18.69 2.37 -10.30
CA CYS B 259 -19.37 3.12 -9.28
C CYS B 259 -20.88 3.14 -9.42
N ASN B 260 -21.40 3.05 -10.63
CA ASN B 260 -22.79 3.04 -10.87
C ASN B 260 -23.37 1.68 -10.66
N GLU B 261 -22.55 0.66 -10.68
CA GLU B 261 -23.01 -0.68 -10.45
C GLU B 261 -23.10 -1.07 -8.99
N GLY B 262 -22.57 -0.26 -8.12
CA GLY B 262 -22.54 -0.58 -6.73
C GLY B 262 -23.84 -0.73 -5.98
N PRO B 263 -24.75 0.16 -6.20
CA PRO B 263 -26.03 0.18 -5.51
C PRO B 263 -26.85 -1.03 -5.84
N THR B 264 -26.48 -1.63 -6.93
CA THR B 264 -27.10 -2.80 -7.50
C THR B 264 -26.57 -4.17 -7.06
N LEU B 265 -25.47 -4.25 -6.33
CA LEU B 265 -24.92 -5.53 -5.95
C LEU B 265 -25.72 -6.21 -4.90
N PRO B 266 -25.53 -7.50 -4.75
CA PRO B 266 -26.30 -8.31 -3.83
C PRO B 266 -25.86 -8.18 -2.38
N ASP B 267 -26.73 -8.56 -1.49
CA ASP B 267 -26.44 -8.60 -0.09
C ASP B 267 -25.41 -9.66 0.16
N ILE B 268 -24.54 -9.43 1.12
CA ILE B 268 -23.66 -10.44 1.66
C ILE B 268 -24.05 -10.77 3.09
N SER B 269 -24.13 -12.03 3.42
CA SER B 269 -24.51 -12.45 4.76
C SER B 269 -23.49 -13.35 5.38
N PHE B 270 -23.38 -13.26 6.69
CA PHE B 270 -22.50 -14.07 7.45
C PHE B 270 -23.31 -14.82 8.46
N HIS B 271 -23.19 -16.14 8.50
CA HIS B 271 -23.97 -16.94 9.43
C HIS B 271 -23.23 -17.23 10.71
N LEU B 272 -23.59 -16.51 11.77
CA LEU B 272 -22.99 -16.59 13.07
C LEU B 272 -24.03 -16.76 14.14
N GLY B 273 -23.89 -17.75 15.01
CA GLY B 273 -24.86 -17.98 16.04
C GLY B 273 -26.28 -18.28 15.61
N GLY B 274 -26.42 -18.88 14.44
CA GLY B 274 -27.71 -19.26 13.94
C GLY B 274 -28.53 -18.17 13.31
N LYS B 275 -27.90 -17.05 13.02
CA LYS B 275 -28.60 -15.94 12.46
C LYS B 275 -27.83 -15.36 11.31
N GLU B 276 -28.51 -14.65 10.47
CA GLU B 276 -27.86 -14.19 9.29
C GLU B 276 -27.56 -12.73 9.45
N TYR B 277 -26.29 -12.40 9.37
CA TYR B 277 -25.83 -11.05 9.54
C TYR B 277 -25.51 -10.47 8.18
N THR B 278 -26.29 -9.52 7.76
CA THR B 278 -26.29 -9.06 6.41
C THR B 278 -25.76 -7.67 6.20
N LEU B 279 -24.91 -7.54 5.22
CA LEU B 279 -24.44 -6.28 4.76
C LEU B 279 -24.99 -6.12 3.42
N THR B 280 -25.58 -4.97 3.19
CA THR B 280 -25.97 -4.51 1.87
C THR B 280 -24.81 -3.87 1.18
N SER B 281 -24.96 -3.56 -0.08
CA SER B 281 -23.92 -2.91 -0.83
C SER B 281 -23.55 -1.51 -0.34
N ALA B 282 -24.47 -0.81 0.26
CA ALA B 282 -24.17 0.48 0.87
C ALA B 282 -23.19 0.36 2.01
N ASP B 283 -23.27 -0.76 2.70
CA ASP B 283 -22.37 -1.20 3.72
C ASP B 283 -20.98 -1.61 3.27
N TYR B 284 -20.86 -2.15 2.09
CA TYR B 284 -19.60 -2.67 1.69
C TYR B 284 -18.87 -2.03 0.50
N VAL B 285 -19.51 -1.13 -0.21
CA VAL B 285 -18.82 -0.37 -1.25
C VAL B 285 -18.59 1.05 -0.81
N PHE B 286 -17.37 1.54 -0.87
CA PHE B 286 -17.17 2.94 -0.64
C PHE B 286 -17.68 3.65 -1.86
N GLN B 287 -18.60 4.55 -1.71
CA GLN B 287 -19.32 5.06 -2.81
C GLN B 287 -19.17 6.56 -2.81
N GLU B 288 -17.96 6.94 -3.12
CA GLU B 288 -17.52 8.28 -3.30
C GLU B 288 -18.11 8.87 -4.52
N SER B 289 -18.54 8.05 -5.44
CA SER B 289 -19.20 8.50 -6.62
C SER B 289 -20.27 7.54 -7.04
N TYR B 290 -21.16 7.95 -7.91
CA TYR B 290 -22.12 7.01 -8.39
C TYR B 290 -21.98 7.02 -9.85
N SER B 291 -20.97 7.70 -10.31
CA SER B 291 -20.71 7.80 -11.71
C SER B 291 -20.13 6.55 -12.27
N SER B 292 -20.52 6.29 -13.48
CA SER B 292 -20.10 5.14 -14.18
C SER B 292 -18.78 5.35 -14.86
N LYS B 293 -18.15 6.47 -14.63
CA LYS B 293 -16.83 6.59 -15.13
C LYS B 293 -15.85 6.43 -13.99
N LYS B 294 -16.34 6.20 -12.80
CA LYS B 294 -15.47 6.06 -11.69
C LYS B 294 -15.45 4.65 -11.22
N LEU B 295 -14.45 4.32 -10.43
CA LEU B 295 -14.32 3.02 -9.79
C LEU B 295 -14.40 3.11 -8.29
N CYS B 296 -15.27 2.32 -7.72
CA CYS B 296 -15.50 2.38 -6.31
C CYS B 296 -14.97 1.16 -5.60
N THR B 297 -14.23 1.36 -4.55
CA THR B 297 -13.60 0.30 -3.81
C THR B 297 -14.51 -0.50 -2.86
N LEU B 298 -14.28 -1.79 -2.78
CA LEU B 298 -14.96 -2.64 -1.79
C LEU B 298 -14.19 -2.76 -0.50
N ALA B 299 -14.84 -2.71 0.62
CA ALA B 299 -14.15 -2.86 1.87
C ALA B 299 -14.06 -4.29 2.29
N ILE B 300 -13.63 -5.12 1.39
CA ILE B 300 -13.33 -6.47 1.69
C ILE B 300 -12.07 -6.66 0.95
N HIS B 301 -11.14 -7.41 1.50
CA HIS B 301 -9.91 -7.79 0.84
C HIS B 301 -9.49 -9.18 1.32
N ALA B 302 -8.47 -9.77 0.72
CA ALA B 302 -8.03 -11.09 1.09
C ALA B 302 -6.85 -11.04 2.00
N MET B 303 -6.97 -11.70 3.14
CA MET B 303 -5.85 -11.83 4.06
C MET B 303 -5.63 -13.26 4.44
N ASP B 304 -4.46 -13.78 4.18
CA ASP B 304 -4.22 -15.13 4.59
C ASP B 304 -3.51 -15.16 5.92
N ILE B 305 -4.25 -15.53 6.92
CA ILE B 305 -3.81 -15.45 8.27
C ILE B 305 -3.28 -16.80 8.67
N PRO B 306 -2.09 -16.79 9.22
CA PRO B 306 -1.43 -18.00 9.62
C PRO B 306 -2.07 -18.65 10.82
N PRO B 307 -2.09 -19.96 10.75
CA PRO B 307 -2.44 -20.80 11.86
C PRO B 307 -1.34 -20.56 12.83
N PRO B 308 -1.58 -20.67 14.10
CA PRO B 308 -2.75 -21.23 14.73
C PRO B 308 -4.11 -20.56 14.52
N THR B 309 -4.21 -19.25 14.46
CA THR B 309 -5.48 -18.56 14.28
C THR B 309 -6.20 -18.80 12.98
N GLY B 310 -5.44 -18.82 11.91
CA GLY B 310 -5.96 -18.95 10.57
C GLY B 310 -5.74 -20.32 10.10
N PRO B 311 -6.42 -20.71 9.06
CA PRO B 311 -7.21 -19.79 8.29
C PRO B 311 -8.47 -19.37 8.96
N THR B 312 -8.69 -18.08 8.97
CA THR B 312 -9.93 -17.58 9.46
C THR B 312 -10.34 -16.46 8.56
N TRP B 313 -11.62 -16.15 8.55
CA TRP B 313 -12.14 -14.92 8.09
C TRP B 313 -11.94 -13.90 9.17
N ALA B 314 -11.88 -12.63 8.84
CA ALA B 314 -11.78 -11.63 9.87
C ALA B 314 -12.85 -10.59 9.75
N LEU B 315 -13.64 -10.42 10.79
CA LEU B 315 -14.64 -9.36 10.76
C LEU B 315 -14.16 -8.07 11.38
N GLY B 316 -13.84 -7.13 10.53
CA GLY B 316 -13.36 -5.82 10.87
C GLY B 316 -14.34 -4.69 10.86
N ALA B 317 -13.87 -3.52 10.51
CA ALA B 317 -14.64 -2.30 10.58
C ALA B 317 -15.89 -2.32 9.73
N THR B 318 -15.84 -2.99 8.61
CA THR B 318 -16.93 -3.05 7.72
C THR B 318 -18.13 -3.71 8.37
N PHE B 319 -17.87 -4.79 9.06
CA PHE B 319 -18.81 -5.44 9.92
C PHE B 319 -19.21 -4.68 11.19
N ILE B 320 -18.25 -4.12 11.88
CA ILE B 320 -18.47 -3.38 13.10
C ILE B 320 -19.28 -2.10 12.98
N ARG B 321 -19.22 -1.42 11.87
CA ARG B 321 -20.00 -0.23 11.70
C ARG B 321 -21.47 -0.53 11.77
N LYS B 322 -21.86 -1.61 11.18
CA LYS B 322 -23.17 -2.14 11.37
C LYS B 322 -23.54 -2.78 12.70
N PHE B 323 -22.63 -3.49 13.32
CA PHE B 323 -22.99 -4.25 14.48
C PHE B 323 -22.14 -3.89 15.63
N TYR B 324 -22.76 -3.29 16.62
CA TYR B 324 -22.08 -2.94 17.83
C TYR B 324 -21.56 -4.20 18.52
N THR B 325 -20.30 -4.22 18.85
CA THR B 325 -19.73 -5.42 19.41
C THR B 325 -19.31 -5.31 20.88
N GLU B 326 -19.84 -6.24 21.68
CA GLU B 326 -19.38 -6.51 23.02
C GLU B 326 -18.46 -7.73 23.12
N PHE B 327 -17.30 -7.54 23.70
CA PHE B 327 -16.40 -8.63 23.97
C PHE B 327 -16.41 -8.98 25.45
N ASP B 328 -16.89 -10.17 25.80
CA ASP B 328 -17.15 -10.58 27.17
C ASP B 328 -16.18 -11.60 27.69
N ARG B 329 -15.29 -11.17 28.56
CA ARG B 329 -14.34 -12.03 29.25
C ARG B 329 -14.88 -12.98 30.31
N ARG B 330 -15.90 -12.58 31.04
CA ARG B 330 -16.51 -13.41 32.05
C ARG B 330 -17.17 -14.63 31.51
N ASN B 331 -17.95 -14.47 30.48
CA ASN B 331 -18.60 -15.58 29.85
C ASN B 331 -17.89 -16.13 28.63
N ASN B 332 -16.77 -15.57 28.25
CA ASN B 332 -16.13 -15.91 27.00
C ASN B 332 -17.02 -15.89 25.77
N ARG B 333 -17.61 -14.76 25.45
CA ARG B 333 -18.53 -14.69 24.36
C ARG B 333 -18.41 -13.40 23.59
N ILE B 334 -19.05 -13.34 22.44
CA ILE B 334 -19.21 -12.11 21.69
C ILE B 334 -20.69 -11.79 21.52
N GLY B 335 -21.04 -10.55 21.67
CA GLY B 335 -22.37 -10.07 21.40
C GLY B 335 -22.41 -9.07 20.26
N PHE B 336 -23.43 -9.17 19.46
CA PHE B 336 -23.63 -8.28 18.38
C PHE B 336 -24.96 -7.70 18.55
N ALA B 337 -25.04 -6.42 18.31
CA ALA B 337 -26.26 -5.66 18.34
C ALA B 337 -26.23 -4.73 17.18
N LEU B 338 -27.39 -4.24 16.79
CA LEU B 338 -27.48 -3.32 15.71
C LEU B 338 -27.15 -1.93 16.14
N ALA B 339 -26.13 -1.39 15.52
CA ALA B 339 -25.56 -0.13 15.81
C ALA B 339 -26.46 0.97 15.40
N ARG B 340 -26.41 2.02 16.15
CA ARG B 340 -27.18 3.16 15.82
C ARG B 340 -26.43 4.28 16.43
C1 NAG C . -5.49 26.53 -21.43
C2 NAG C . -5.97 27.78 -22.16
C3 NAG C . -7.28 27.46 -22.84
C4 NAG C . -7.22 26.19 -23.65
C5 NAG C . -6.76 25.05 -22.74
C6 NAG C . -6.82 23.67 -23.41
C7 NAG C . -5.51 29.93 -20.93
C8 NAG C . -6.02 30.77 -19.80
N2 NAG C . -6.22 28.81 -21.17
O3 NAG C . -7.58 28.53 -23.71
O4 NAG C . -8.51 25.96 -24.22
O5 NAG C . -5.44 25.38 -22.25
O6 NAG C . -5.89 23.51 -24.47
O7 NAG C . -4.50 30.29 -21.52
C1 NAG C . -8.50 26.08 -25.68
C2 NAG C . -9.84 25.56 -26.24
C3 NAG C . -9.93 25.75 -27.76
C4 NAG C . -9.56 27.19 -28.13
C5 NAG C . -8.13 27.42 -27.65
C6 NAG C . -7.47 28.71 -28.18
C7 NAG C . -10.94 23.72 -25.05
C8 NAG C . -10.98 22.24 -24.79
N2 NAG C . -10.02 24.16 -25.91
O3 NAG C . -11.22 25.40 -28.19
O4 NAG C . -9.74 27.44 -29.51
O5 NAG C . -8.11 27.35 -26.23
O6 NAG C . -7.97 29.86 -27.53
O7 NAG C . -11.72 24.49 -24.46
C1 RX0 D . 4.16 5.66 -7.69
C2 RX0 D . 4.85 6.25 -8.75
C3 RX0 D . 2.78 5.61 -7.74
C4 RX0 D . 4.20 6.76 -9.87
C5 RX0 D . 2.10 6.13 -8.86
C6 RX0 D . 2.83 6.71 -9.92
C7 RX0 D . 2.92 1.47 -10.88
O8 RX0 D . 1.79 1.14 -11.19
N9 RX0 D . 3.46 0.88 -9.74
C10 RX0 D . 2.34 1.38 -7.56
C11 RX0 D . 3.78 1.62 -7.05
C12 RX0 D . 4.55 2.46 -8.06
C13 RX0 D . 4.71 1.56 -9.26
C14 RX0 D . 2.44 0.43 -8.75
C15 RX0 D . 5.90 2.99 -7.50
O16 RX0 D . 6.59 1.85 -7.00
C17 RX0 D . 5.65 3.99 -6.38
C18 RX0 D . 6.21 3.69 -5.13
C19 RX0 D . 4.86 5.15 -6.48
C20 RX0 D . 6.06 4.48 -4.00
C21 RX0 D . 4.70 5.95 -5.35
C22 RX0 D . 5.29 5.63 -4.12
C23 RX0 D . 6.87 3.57 -8.53
C24 RX0 D . 8.08 4.22 -7.83
C25 RX0 D . 9.09 4.72 -8.84
C26 RX0 D . 9.67 3.55 -9.63
O27 RX0 D . 10.87 3.95 -10.30
C28 RX0 D . 11.43 2.90 -11.10
C29 RX0 D . 3.67 3.88 -11.62
C30 RX0 D . 4.05 4.42 -12.99
C31 RX0 D . 4.23 3.25 -13.94
C32 RX0 D . 3.39 2.19 -13.28
C33 RX0 D . 3.74 2.37 -11.81
O34 RX0 D . 3.00 5.28 -13.50
N35 RX0 D . 3.74 3.51 -15.31
C1 GOL E . 19.76 -20.75 9.65
O1 GOL E . 19.82 -19.35 9.75
C2 GOL E . 20.09 -21.10 8.21
O2 GOL E . 21.02 -20.15 7.78
C3 GOL E . 20.86 -22.39 8.16
O3 GOL E . 22.06 -21.99 7.50
C1 GOL F . -5.87 29.42 -9.47
O1 GOL F . -4.53 29.50 -9.00
C2 GOL F . -6.27 27.98 -9.79
O2 GOL F . -6.74 27.34 -8.62
C3 GOL F . -7.42 28.04 -10.80
O3 GOL F . -7.75 26.76 -11.30
C1 RX0 G . -1.81 -1.22 10.57
C2 RX0 G . -2.39 -1.22 11.84
C3 RX0 G . -0.77 -2.11 10.31
C4 RX0 G . -1.96 -2.10 12.84
C5 RX0 G . -0.35 -3.00 11.30
C6 RX0 G . -0.95 -3.01 12.58
C7 RX0 G . -4.42 -5.71 9.43
O8 RX0 G . -3.71 -6.68 9.28
N9 RX0 G . -4.87 -4.87 8.38
C10 RX0 G . -3.05 -3.92 7.06
C11 RX0 G . -3.62 -2.53 7.29
C12 RX0 G . -4.17 -2.48 8.70
C13 RX0 G . -5.29 -3.50 8.78
C14 RX0 G . -4.15 -4.95 7.09
C15 RX0 G . -4.61 -1.06 9.11
O16 RX0 G . -5.75 -0.71 8.35
C17 RX0 G . -3.46 -0.11 8.87
C18 RX0 G . -3.63 0.92 7.93
C19 RX0 G . -2.22 -0.22 9.53
C20 RX0 G . -2.63 1.85 7.66
C21 RX0 G . -1.23 0.73 9.25
C22 RX0 G . -1.41 1.75 8.32
C23 RX0 G . -5.21 -0.89 10.51
C24 RX0 G . -5.65 0.54 10.85
C25 RX0 G . -6.54 0.56 12.08
C26 RX0 G . -7.95 0.17 11.66
O27 RX0 G . -8.85 0.64 12.65
C28 RX0 G . -9.88 -0.30 12.97
C29 RX0 G . -3.88 -4.89 11.75
C30 RX0 G . -4.48 -5.23 13.10
C31 RX0 G . -5.63 -6.24 12.87
C32 RX0 G . -5.37 -6.82 11.49
C33 RX0 G . -4.91 -5.52 10.82
O34 RX0 G . -3.41 -5.84 13.76
N35 RX0 G . -5.73 -7.31 13.91
C1 NAG H . 11.10 -7.05 32.38
C2 NAG H . 12.17 -7.91 33.06
C3 NAG H . 11.51 -9.24 33.44
C4 NAG H . 10.24 -9.02 34.29
C5 NAG H . 9.31 -7.88 33.79
C6 NAG H . 8.34 -7.40 34.89
C7 NAG H . 14.23 -7.14 31.90
C8 NAG H . 15.40 -7.57 31.07
N2 NAG H . 13.37 -8.11 32.26
O3 NAG H . 12.40 -10.10 34.14
O4 NAG H . 9.56 -10.25 34.37
O5 NAG H . 10.05 -6.76 33.30
O6 NAG H . 7.52 -6.33 34.45
O7 NAG H . 14.11 -5.95 32.21
#